data_4BNY
#
_entry.id   4BNY
#
_cell.length_a   54.940
_cell.length_b   108.390
_cell.length_c   148.170
_cell.angle_alpha   90.00
_cell.angle_beta   90.00
_cell.angle_gamma   90.00
#
_symmetry.space_group_name_H-M   'P 21 21 21'
#
loop_
_entity.id
_entity.type
_entity.pdbx_description
1 polymer '3-OXOACYL-[ACYL-CARRIER-PROTEIN] REDUCTASE FABG'
2 non-polymer 4-(2-phenylthieno[3,2-d]pyrimidin-4-yl)morpholine
3 water water
#
_entity_poly.entity_id   1
_entity_poly.type   'polypeptide(L)'
_entity_poly.pdbx_seq_one_letter_code
;MHHHHHHSSGVDLGTENLYFQSMSLQGKVALVTGASRGIGQAIALELGRLGAVVIGTATSASGAEKIAETLKANGVEGAG
LVLDVSSDESVAATLEHIQQHLGQPLIVVNNAGITRDNLLVRMKDDEWFDVVNTNLNSLYRLSKAVLRGMTKARWGRIIN
IGSVVGAMGNAGQTNYAAAKAGLEGFTRALAREVGSRAITVNAVAPGFIDTDMTRELPEAQREALLGQIPLGRLGQAEEI
AKVVGFLASDGAAYVTGATVPVNGGMYMS
;
_entity_poly.pdbx_strand_id   A,B,C,D
#
# COMPACT_ATOMS: atom_id res chain seq x y z
N SER A 22 -0.40 32.93 -11.38
CA SER A 22 0.22 31.55 -11.40
C SER A 22 -0.64 30.56 -10.58
N MET A 23 -0.74 30.83 -9.30
CA MET A 23 -1.68 30.13 -8.40
C MET A 23 -3.13 30.65 -8.57
N SER A 24 -3.41 31.45 -9.60
CA SER A 24 -4.64 32.13 -9.60
C SER A 24 -5.81 31.27 -10.08
N LEU A 25 -6.96 31.51 -9.42
CA LEU A 25 -8.20 30.92 -9.78
C LEU A 25 -9.21 31.98 -10.27
N GLN A 26 -8.72 33.15 -10.68
CA GLN A 26 -9.62 34.18 -11.23
C GLN A 26 -10.39 33.66 -12.40
N GLY A 27 -11.68 33.96 -12.48
CA GLY A 27 -12.54 33.47 -13.52
C GLY A 27 -13.17 32.11 -13.25
N LYS A 28 -12.82 31.47 -12.12
CA LYS A 28 -13.37 30.15 -11.82
CA LYS A 28 -13.42 30.17 -11.84
C LYS A 28 -14.42 30.25 -10.71
N VAL A 29 -15.48 29.44 -10.80
CA VAL A 29 -16.45 29.27 -9.75
C VAL A 29 -16.09 27.98 -8.97
N ALA A 30 -16.03 28.09 -7.64
CA ALA A 30 -15.79 26.94 -6.78
C ALA A 30 -16.99 26.68 -5.88
N LEU A 31 -17.38 25.42 -5.74
CA LEU A 31 -18.34 24.99 -4.80
C LEU A 31 -17.69 24.20 -3.67
N VAL A 32 -17.84 24.67 -2.45
CA VAL A 32 -17.23 24.00 -1.29
C VAL A 32 -18.31 23.58 -0.34
N THR A 33 -18.49 22.27 -0.17
CA THR A 33 -19.57 21.78 0.71
C THR A 33 -19.10 21.80 2.18
N GLY A 34 -20.02 22.11 3.08
CA GLY A 34 -19.72 22.20 4.52
C GLY A 34 -18.73 23.29 4.88
N ALA A 35 -19.00 24.50 4.37
CA ALA A 35 -18.12 25.64 4.47
C ALA A 35 -18.35 26.54 5.66
N SER A 36 -19.27 26.19 6.59
CA SER A 36 -19.60 27.19 7.61
C SER A 36 -18.60 27.16 8.80
N ARG A 37 -17.71 26.17 8.87
CA ARG A 37 -16.73 26.08 9.96
C ARG A 37 -15.56 25.22 9.59
N GLY A 38 -14.54 25.28 10.43
CA GLY A 38 -13.36 24.45 10.39
C GLY A 38 -12.69 24.37 9.04
N ILE A 39 -12.45 23.15 8.58
CA ILE A 39 -11.69 22.92 7.38
C ILE A 39 -12.44 23.44 6.13
N GLY A 40 -13.74 23.25 6.07
CA GLY A 40 -14.51 23.76 4.92
C GLY A 40 -14.46 25.27 4.76
N GLN A 41 -14.58 25.96 5.88
CA GLN A 41 -14.46 27.39 5.91
C GLN A 41 -13.12 27.82 5.47
N ALA A 42 -12.07 27.17 6.00
CA ALA A 42 -10.73 27.52 5.58
C ALA A 42 -10.52 27.33 4.10
N ILE A 43 -11.05 26.25 3.57
CA ILE A 43 -10.96 26.02 2.12
C ILE A 43 -11.65 27.11 1.32
N ALA A 44 -12.86 27.46 1.73
CA ALA A 44 -13.59 28.54 1.05
C ALA A 44 -12.78 29.81 1.01
N LEU A 45 -12.17 30.16 2.12
CA LEU A 45 -11.39 31.36 2.17
C LEU A 45 -10.14 31.29 1.37
N GLU A 46 -9.49 30.15 1.35
CA GLU A 46 -8.29 30.00 0.53
C GLU A 46 -8.60 30.07 -0.96
N LEU A 47 -9.66 29.39 -1.44
CA LEU A 47 -10.00 29.52 -2.84
C LEU A 47 -10.39 30.96 -3.20
N GLY A 48 -11.00 31.64 -2.26
CA GLY A 48 -11.35 33.04 -2.45
C GLY A 48 -10.12 33.93 -2.51
N ARG A 49 -9.12 33.65 -1.68
CA ARG A 49 -7.85 34.40 -1.71
C ARG A 49 -7.19 34.27 -3.07
N LEU A 50 -7.31 33.12 -3.70
CA LEU A 50 -6.70 32.86 -4.97
C LEU A 50 -7.49 33.48 -6.13
N GLY A 51 -8.65 34.06 -5.82
CA GLY A 51 -9.45 34.74 -6.80
C GLY A 51 -10.68 34.03 -7.31
N ALA A 52 -11.03 32.87 -6.77
CA ALA A 52 -12.26 32.19 -7.21
C ALA A 52 -13.47 32.91 -6.65
N VAL A 53 -14.57 32.75 -7.36
CA VAL A 53 -15.89 33.00 -6.85
C VAL A 53 -16.34 31.76 -6.10
N VAL A 54 -16.67 31.89 -4.86
CA VAL A 54 -16.93 30.73 -3.93
C VAL A 54 -18.39 30.57 -3.49
N ILE A 55 -18.95 29.40 -3.76
CA ILE A 55 -20.26 29.02 -3.29
C ILE A 55 -20.02 28.03 -2.18
N GLY A 56 -20.28 28.45 -0.96
CA GLY A 56 -20.11 27.57 0.20
C GLY A 56 -21.43 27.07 0.70
N THR A 57 -21.50 25.80 1.14
CA THR A 57 -22.77 25.25 1.53
C THR A 57 -22.85 24.83 2.97
N ALA A 58 -24.08 24.84 3.47
CA ALA A 58 -24.37 24.35 4.80
C ALA A 58 -25.73 23.65 4.73
N THR A 59 -26.04 22.89 5.77
CA THR A 59 -27.30 22.15 5.75
C THR A 59 -28.50 22.99 6.20
N SER A 60 -28.28 24.16 6.75
CA SER A 60 -29.34 25.05 7.21
C SER A 60 -29.23 26.44 6.61
N ALA A 61 -30.36 27.17 6.54
CA ALA A 61 -30.39 28.54 6.06
C ALA A 61 -29.50 29.43 6.91
N SER A 62 -29.53 29.22 8.24
CA SER A 62 -28.71 30.07 9.07
C SER A 62 -27.21 29.85 8.76
N GLY A 63 -26.79 28.60 8.56
CA GLY A 63 -25.39 28.28 8.13
C GLY A 63 -25.04 28.94 6.79
N ALA A 64 -25.97 28.92 5.87
CA ALA A 64 -25.76 29.58 4.54
C ALA A 64 -25.56 31.07 4.64
N GLU A 65 -26.37 31.74 5.49
CA GLU A 65 -26.17 33.11 5.75
C GLU A 65 -24.87 33.47 6.46
N LYS A 66 -24.45 32.66 7.43
CA LYS A 66 -23.16 32.82 8.03
C LYS A 66 -22.00 32.70 7.05
N ILE A 67 -22.10 31.76 6.10
CA ILE A 67 -21.11 31.63 5.04
C ILE A 67 -21.04 32.89 4.28
N ALA A 68 -22.19 33.40 3.86
CA ALA A 68 -22.18 34.64 3.07
C ALA A 68 -21.50 35.80 3.83
N GLU A 69 -21.78 35.92 5.12
CA GLU A 69 -21.19 36.98 5.92
C GLU A 69 -19.70 36.76 6.06
N THR A 70 -19.28 35.51 6.15
CA THR A 70 -17.80 35.19 6.23
C THR A 70 -17.12 35.59 4.93
N LEU A 71 -17.73 35.29 3.80
CA LEU A 71 -17.14 35.64 2.57
C LEU A 71 -16.97 37.14 2.46
N LYS A 72 -18.06 37.86 2.73
CA LYS A 72 -18.03 39.32 2.72
C LYS A 72 -16.94 39.88 3.58
N ALA A 73 -16.83 39.36 4.79
CA ALA A 73 -15.80 39.80 5.75
C ALA A 73 -14.36 39.55 5.33
N ASN A 74 -14.16 38.67 4.34
CA ASN A 74 -12.89 38.39 3.77
C ASN A 74 -12.68 38.81 2.35
N GLY A 75 -13.59 39.61 1.83
CA GLY A 75 -13.45 40.13 0.50
C GLY A 75 -13.60 39.11 -0.60
N VAL A 76 -14.33 38.02 -0.34
CA VAL A 76 -14.54 36.96 -1.35
C VAL A 76 -15.88 37.14 -1.96
N GLU A 77 -15.94 37.14 -3.29
CA GLU A 77 -17.17 37.10 -4.04
C GLU A 77 -17.79 35.70 -4.00
N GLY A 78 -19.10 35.63 -3.92
CA GLY A 78 -19.80 34.35 -3.94
C GLY A 78 -21.05 34.39 -3.06
N ALA A 79 -21.41 33.25 -2.48
CA ALA A 79 -22.71 33.07 -1.85
C ALA A 79 -22.65 31.87 -0.91
N GLY A 80 -23.57 31.86 0.03
CA GLY A 80 -23.83 30.71 0.89
C GLY A 80 -25.10 30.07 0.38
N LEU A 81 -25.17 28.74 0.41
CA LEU A 81 -26.33 28.04 -0.02
CA LEU A 81 -26.33 28.02 -0.03
C LEU A 81 -26.65 26.82 0.84
N VAL A 82 -27.91 26.41 0.91
CA VAL A 82 -28.28 25.22 1.60
C VAL A 82 -28.20 24.00 0.67
N LEU A 83 -27.47 22.97 1.06
CA LEU A 83 -27.33 21.78 0.26
C LEU A 83 -27.32 20.56 1.17
N ASP A 84 -28.12 19.57 0.79
CA ASP A 84 -28.10 18.26 1.44
C ASP A 84 -27.56 17.22 0.45
N VAL A 85 -26.30 16.82 0.63
CA VAL A 85 -25.62 15.95 -0.33
C VAL A 85 -26.17 14.54 -0.32
N SER A 86 -27.00 14.22 0.68
CA SER A 86 -27.73 12.94 0.70
C SER A 86 -28.95 12.89 -0.26
N SER A 87 -29.35 14.01 -0.85
CA SER A 87 -30.60 14.12 -1.60
C SER A 87 -30.40 14.45 -3.06
N ASP A 88 -30.91 13.60 -3.97
CA ASP A 88 -30.76 13.90 -5.40
C ASP A 88 -31.46 15.23 -5.72
N GLU A 89 -32.62 15.47 -5.10
CA GLU A 89 -33.41 16.68 -5.37
C GLU A 89 -32.62 17.91 -4.92
N SER A 90 -32.04 17.84 -3.72
CA SER A 90 -31.27 19.00 -3.22
C SER A 90 -30.10 19.28 -4.14
N VAL A 91 -29.40 18.23 -4.56
CA VAL A 91 -28.25 18.41 -5.42
C VAL A 91 -28.61 19.02 -6.74
N ALA A 92 -29.66 18.49 -7.39
CA ALA A 92 -30.08 19.04 -8.69
C ALA A 92 -30.53 20.51 -8.60
N ALA A 93 -31.32 20.82 -7.57
CA ALA A 93 -31.86 22.16 -7.38
C ALA A 93 -30.73 23.15 -7.08
N THR A 94 -29.76 22.72 -6.28
CA THR A 94 -28.69 23.61 -5.93
C THR A 94 -27.87 23.94 -7.16
N LEU A 95 -27.53 22.92 -7.96
CA LEU A 95 -26.71 23.16 -9.14
C LEU A 95 -27.44 24.05 -10.15
N GLU A 96 -28.74 23.88 -10.24
CA GLU A 96 -29.51 24.72 -11.21
C GLU A 96 -29.51 26.17 -10.77
N HIS A 97 -29.71 26.40 -9.48
CA HIS A 97 -29.53 27.74 -8.91
C HIS A 97 -28.18 28.39 -9.23
N ILE A 98 -27.10 27.65 -8.98
CA ILE A 98 -25.78 28.20 -9.17
C ILE A 98 -25.56 28.53 -10.65
N GLN A 99 -25.97 27.65 -11.51
CA GLN A 99 -25.74 27.84 -12.94
C GLN A 99 -26.49 29.10 -13.40
N GLN A 100 -27.69 29.29 -12.91
CA GLN A 100 -28.51 30.44 -13.33
C GLN A 100 -27.95 31.77 -12.85
N HIS A 101 -27.35 31.81 -11.65
CA HIS A 101 -26.96 33.07 -11.04
C HIS A 101 -25.47 33.35 -11.06
N LEU A 102 -24.62 32.31 -11.01
CA LEU A 102 -23.15 32.54 -10.91
C LEU A 102 -22.33 31.86 -11.99
N GLY A 103 -22.84 30.78 -12.58
CA GLY A 103 -22.10 30.04 -13.60
C GLY A 103 -21.80 28.61 -13.11
N GLN A 104 -21.20 27.82 -13.97
CA GLN A 104 -20.93 26.39 -13.72
C GLN A 104 -19.77 26.20 -12.76
N PRO A 105 -19.99 25.54 -11.63
CA PRO A 105 -18.78 25.32 -10.78
C PRO A 105 -17.82 24.34 -11.43
N LEU A 106 -16.63 24.76 -11.71
CA LEU A 106 -15.64 23.89 -12.31
C LEU A 106 -14.59 23.41 -11.25
N ILE A 107 -14.61 23.97 -10.05
CA ILE A 107 -13.85 23.45 -8.90
C ILE A 107 -14.86 23.04 -7.83
N VAL A 108 -14.86 21.76 -7.40
CA VAL A 108 -15.80 21.28 -6.42
C VAL A 108 -14.97 20.61 -5.32
N VAL A 109 -15.20 21.07 -4.11
CA VAL A 109 -14.53 20.51 -2.93
C VAL A 109 -15.58 19.84 -2.08
N ASN A 110 -15.46 18.52 -1.91
CA ASN A 110 -16.46 17.74 -1.14
C ASN A 110 -15.89 17.58 0.27
N ASN A 111 -16.46 18.34 1.20
CA ASN A 111 -16.05 18.34 2.57
C ASN A 111 -17.15 17.99 3.52
N ALA A 112 -18.40 18.11 3.12
CA ALA A 112 -19.53 17.86 4.04
C ALA A 112 -19.63 16.36 4.31
N ARG A 122 -20.42 7.90 20.90
CA ARG A 122 -19.27 7.27 20.28
C ARG A 122 -19.60 6.70 18.92
N MET A 123 -18.54 6.40 18.17
CA MET A 123 -18.59 5.54 16.98
C MET A 123 -18.81 4.07 17.40
N LYS A 124 -19.51 3.31 16.58
CA LYS A 124 -19.75 1.90 16.90
C LYS A 124 -18.83 0.97 16.07
N ASP A 125 -18.42 -0.13 16.72
CA ASP A 125 -17.51 -1.17 16.10
C ASP A 125 -18.06 -1.83 14.83
N ASP A 126 -19.40 -1.83 14.70
CA ASP A 126 -20.16 -2.40 13.55
C ASP A 126 -20.98 -1.39 12.68
N GLU A 127 -20.73 -0.08 12.82
CA GLU A 127 -21.37 0.99 12.00
CA GLU A 127 -21.38 0.95 11.98
C GLU A 127 -20.46 1.58 10.93
N TRP A 128 -19.19 1.19 10.89
CA TRP A 128 -18.27 1.66 9.86
C TRP A 128 -18.86 1.42 8.48
N PHE A 129 -19.57 0.30 8.28
CA PHE A 129 -20.01 0.01 6.90
C PHE A 129 -21.03 1.06 6.43
N ASP A 130 -22.06 1.27 7.24
CA ASP A 130 -23.12 2.25 6.88
CA ASP A 130 -23.09 2.27 6.90
C ASP A 130 -22.54 3.69 6.73
N VAL A 131 -21.57 4.08 7.56
CA VAL A 131 -20.90 5.40 7.41
C VAL A 131 -20.14 5.57 6.11
N VAL A 132 -19.30 4.59 5.77
CA VAL A 132 -18.57 4.67 4.54
C VAL A 132 -19.54 4.63 3.38
N ASN A 133 -20.49 3.72 3.43
CA ASN A 133 -21.45 3.53 2.33
C ASN A 133 -22.18 4.84 2.05
N THR A 134 -22.65 5.48 3.11
CA THR A 134 -23.40 6.73 2.99
C THR A 134 -22.51 7.81 2.43
N ASN A 135 -21.33 7.98 2.97
CA ASN A 135 -20.42 9.02 2.53
CA ASN A 135 -20.41 8.99 2.53
C ASN A 135 -19.98 8.84 1.09
N LEU A 136 -19.68 7.61 0.67
CA LEU A 136 -19.27 7.45 -0.72
C LEU A 136 -20.43 7.63 -1.66
N ASN A 137 -21.60 7.18 -1.28
CA ASN A 137 -22.78 7.38 -2.11
C ASN A 137 -23.05 8.84 -2.30
N SER A 138 -22.81 9.65 -1.27
CA SER A 138 -22.91 11.14 -1.37
C SER A 138 -21.83 11.79 -2.21
N LEU A 139 -20.59 11.34 -2.11
CA LEU A 139 -19.55 11.80 -3.00
C LEU A 139 -19.88 11.51 -4.46
N TYR A 140 -20.42 10.31 -4.73
CA TYR A 140 -20.67 9.94 -6.06
C TYR A 140 -21.81 10.78 -6.62
N ARG A 141 -22.85 10.97 -5.80
CA ARG A 141 -24.04 11.74 -6.20
C ARG A 141 -23.62 13.15 -6.61
N LEU A 142 -22.86 13.83 -5.77
CA LEU A 142 -22.49 15.22 -6.12
C LEU A 142 -21.47 15.26 -7.24
N SER A 143 -20.50 14.33 -7.23
CA SER A 143 -19.53 14.31 -8.28
C SER A 143 -20.20 14.11 -9.66
N LYS A 144 -21.08 13.15 -9.78
CA LYS A 144 -21.73 12.86 -11.08
C LYS A 144 -22.51 14.10 -11.52
N ALA A 145 -23.13 14.80 -10.58
CA ALA A 145 -23.93 16.00 -10.95
C ALA A 145 -23.04 17.16 -11.47
N VAL A 146 -21.86 17.41 -10.87
CA VAL A 146 -21.06 18.49 -11.34
C VAL A 146 -20.20 18.12 -12.54
N LEU A 147 -20.03 16.83 -12.80
CA LEU A 147 -19.26 16.40 -13.95
C LEU A 147 -19.81 16.83 -15.30
N ARG A 148 -21.13 17.02 -15.42
CA ARG A 148 -21.69 17.45 -16.68
C ARG A 148 -21.11 18.76 -17.12
N GLY A 149 -21.02 19.72 -16.21
CA GLY A 149 -20.50 21.02 -16.54
C GLY A 149 -19.05 21.02 -16.81
N MET A 150 -18.31 20.25 -16.00
CA MET A 150 -16.91 20.10 -16.27
C MET A 150 -16.62 19.39 -17.63
N THR A 151 -17.41 18.38 -17.95
CA THR A 151 -17.30 17.65 -19.22
C THR A 151 -17.52 18.59 -20.38
N LYS A 152 -18.52 19.47 -20.26
CA LYS A 152 -18.78 20.51 -21.28
C LYS A 152 -17.65 21.45 -21.43
N ALA A 153 -17.05 21.88 -20.30
CA ALA A 153 -15.92 22.79 -20.35
C ALA A 153 -14.61 22.14 -20.72
N ARG A 154 -14.54 20.81 -20.66
CA ARG A 154 -13.27 20.05 -20.80
C ARG A 154 -12.22 20.53 -19.85
N TRP A 155 -12.65 20.82 -18.60
CA TRP A 155 -11.71 21.21 -17.51
C TRP A 155 -12.45 21.01 -16.19
N GLY A 156 -11.71 20.59 -15.13
CA GLY A 156 -12.34 20.57 -13.82
C GLY A 156 -11.40 20.12 -12.73
N ARG A 157 -11.81 20.43 -11.52
CA ARG A 157 -11.08 19.96 -10.30
C ARG A 157 -12.11 19.45 -9.34
N ILE A 158 -12.00 18.17 -8.94
CA ILE A 158 -12.79 17.61 -7.85
C ILE A 158 -11.78 17.21 -6.76
N ILE A 159 -12.03 17.71 -5.57
CA ILE A 159 -11.13 17.54 -4.45
C ILE A 159 -11.99 17.05 -3.28
N ASN A 160 -11.69 15.84 -2.79
CA ASN A 160 -12.42 15.22 -1.73
C ASN A 160 -11.62 15.27 -0.41
N ILE A 161 -12.26 15.75 0.64
CA ILE A 161 -11.65 15.86 1.91
C ILE A 161 -12.04 14.71 2.80
N GLY A 162 -11.04 14.06 3.30
CA GLY A 162 -11.28 12.93 4.23
C GLY A 162 -11.58 13.38 5.66
N SER A 163 -11.91 12.43 6.53
CA SER A 163 -12.19 12.68 7.96
C SER A 163 -10.99 13.05 8.76
N VAL A 164 -11.19 13.81 9.82
CA VAL A 164 -10.13 14.19 10.79
C VAL A 164 -9.94 13.12 11.83
N VAL A 165 -8.69 12.84 12.26
CA VAL A 165 -8.45 11.86 13.23
C VAL A 165 -9.04 12.33 14.60
N GLY A 166 -9.58 11.43 15.36
CA GLY A 166 -9.81 11.79 16.81
C GLY A 166 -10.77 10.91 17.60
N ALA A 167 -11.75 10.33 16.90
CA ALA A 167 -12.81 9.57 17.61
C ALA A 167 -12.25 8.48 18.53
N MET A 168 -12.98 8.22 19.62
CA MET A 168 -12.48 7.38 20.71
C MET A 168 -12.54 5.87 20.44
N GLY A 169 -11.47 5.19 20.84
CA GLY A 169 -11.39 3.74 20.93
C GLY A 169 -11.12 2.98 19.65
N ASN A 170 -11.23 1.64 19.72
CA ASN A 170 -11.06 0.78 18.53
C ASN A 170 -12.08 1.08 17.43
N ALA A 171 -13.33 1.33 17.79
CA ALA A 171 -14.34 1.72 16.82
C ALA A 171 -13.92 2.97 15.97
N GLY A 172 -13.34 3.98 16.64
CA GLY A 172 -12.83 5.17 15.98
C GLY A 172 -11.74 4.83 14.99
N GLN A 173 -10.84 3.95 15.37
CA GLN A 173 -9.74 3.53 14.50
C GLN A 173 -10.33 2.79 13.31
N THR A 174 -11.26 1.88 13.59
CA THR A 174 -11.88 1.05 12.49
C THR A 174 -12.54 1.96 11.43
N ASN A 175 -13.39 2.87 11.91
CA ASN A 175 -14.07 3.83 11.09
C ASN A 175 -13.13 4.71 10.31
N TYR A 176 -12.09 5.28 10.95
CA TYR A 176 -11.15 6.14 10.30
C TYR A 176 -10.44 5.44 9.18
N ALA A 177 -9.95 4.23 9.47
CA ALA A 177 -9.23 3.50 8.50
C ALA A 177 -10.12 3.07 7.31
N ALA A 178 -11.34 2.66 7.60
CA ALA A 178 -12.22 2.19 6.51
C ALA A 178 -12.57 3.36 5.61
N ALA A 179 -12.84 4.51 6.24
CA ALA A 179 -13.24 5.71 5.45
C ALA A 179 -12.06 6.11 4.57
N LYS A 180 -10.85 6.08 5.13
CA LYS A 180 -9.69 6.48 4.38
C LYS A 180 -9.43 5.58 3.19
N ALA A 181 -9.56 4.26 3.44
CA ALA A 181 -9.38 3.34 2.33
C ALA A 181 -10.46 3.52 1.26
N GLY A 182 -11.66 3.73 1.65
CA GLY A 182 -12.71 3.99 0.72
C GLY A 182 -12.46 5.24 -0.13
N LEU A 183 -12.06 6.32 0.54
CA LEU A 183 -11.80 7.59 -0.17
C LEU A 183 -10.67 7.46 -1.17
N GLU A 184 -9.59 6.77 -0.80
CA GLU A 184 -8.45 6.62 -1.66
C GLU A 184 -8.86 5.84 -2.90
N GLY A 185 -9.59 4.76 -2.71
CA GLY A 185 -9.92 3.95 -3.90
C GLY A 185 -10.94 4.63 -4.79
N PHE A 186 -11.90 5.28 -4.16
CA PHE A 186 -12.96 6.02 -4.86
C PHE A 186 -12.32 7.10 -5.73
N THR A 187 -11.41 7.86 -5.12
CA THR A 187 -10.72 8.96 -5.80
C THR A 187 -9.88 8.49 -7.01
N ARG A 188 -9.13 7.38 -6.82
CA ARG A 188 -8.35 6.80 -7.88
C ARG A 188 -9.27 6.31 -9.05
N ALA A 189 -10.35 5.68 -8.72
CA ALA A 189 -11.23 5.16 -9.74
C ALA A 189 -11.94 6.30 -10.52
N LEU A 190 -12.44 7.30 -9.80
CA LEU A 190 -13.13 8.39 -10.51
C LEU A 190 -12.16 9.18 -11.37
N ALA A 191 -10.93 9.34 -10.92
CA ALA A 191 -9.94 9.98 -11.72
C ALA A 191 -9.73 9.28 -13.04
N ARG A 192 -9.69 7.95 -12.97
CA ARG A 192 -9.51 7.14 -14.21
C ARG A 192 -10.64 7.31 -15.12
N GLU A 193 -11.84 7.36 -14.60
CA GLU A 193 -13.04 7.54 -15.38
C GLU A 193 -13.12 8.90 -16.11
N VAL A 194 -12.68 9.99 -15.52
CA VAL A 194 -12.89 11.33 -16.07
C VAL A 194 -11.66 12.02 -16.66
N GLY A 195 -10.49 11.37 -16.56
CA GLY A 195 -9.27 12.01 -16.94
C GLY A 195 -9.22 12.44 -18.39
N SER A 196 -9.87 11.74 -19.31
CA SER A 196 -9.70 12.10 -20.71
C SER A 196 -10.27 13.50 -21.00
N ARG A 197 -11.10 14.00 -20.08
CA ARG A 197 -11.71 15.33 -20.15
C ARG A 197 -10.93 16.44 -19.47
N ALA A 198 -9.69 16.16 -19.07
CA ALA A 198 -8.84 17.15 -18.41
C ALA A 198 -9.50 17.61 -17.05
N ILE A 199 -10.21 16.69 -16.44
CA ILE A 199 -10.73 16.89 -15.13
C ILE A 199 -9.82 16.08 -14.18
N THR A 200 -9.31 16.71 -13.15
CA THR A 200 -8.57 15.97 -12.16
C THR A 200 -9.45 15.70 -10.94
N VAL A 201 -9.13 14.60 -10.25
CA VAL A 201 -9.88 14.15 -9.08
C VAL A 201 -8.86 13.68 -8.05
N ASN A 202 -8.84 14.35 -6.91
CA ASN A 202 -7.79 14.11 -5.90
C ASN A 202 -8.44 14.21 -4.52
N ALA A 203 -7.71 13.73 -3.53
CA ALA A 203 -8.20 13.73 -2.19
C ALA A 203 -7.16 14.28 -1.26
N VAL A 204 -7.62 14.83 -0.14
CA VAL A 204 -6.74 15.27 0.95
C VAL A 204 -7.18 14.50 2.20
N ALA A 205 -6.24 13.80 2.84
CA ALA A 205 -6.51 12.98 4.02
C ALA A 205 -5.88 13.62 5.30
N PRO A 206 -6.69 14.39 6.02
CA PRO A 206 -6.17 15.11 7.20
C PRO A 206 -5.84 14.13 8.34
N GLY A 207 -4.86 14.52 9.16
CA GLY A 207 -4.56 13.83 10.39
C GLY A 207 -5.31 14.53 11.52
N PHE A 208 -4.60 14.82 12.62
CA PHE A 208 -5.21 15.42 13.80
C PHE A 208 -5.14 16.93 13.59
N ILE A 209 -6.27 17.56 13.27
CA ILE A 209 -6.33 18.97 12.96
C ILE A 209 -7.15 19.69 14.07
N ASP A 210 -6.70 20.89 14.40
CA ASP A 210 -7.31 21.78 15.39
C ASP A 210 -8.65 22.25 14.81
N THR A 211 -9.72 21.71 15.30
CA THR A 211 -11.03 22.12 14.87
C THR A 211 -11.89 22.25 16.15
N ASP A 212 -13.15 22.63 15.93
CA ASP A 212 -14.18 22.66 16.95
C ASP A 212 -14.45 21.25 17.49
N MET A 213 -14.32 20.23 16.64
CA MET A 213 -14.51 18.86 17.05
C MET A 213 -13.31 18.18 17.80
N THR A 214 -12.10 18.72 17.65
CA THR A 214 -10.96 18.11 18.32
C THR A 214 -10.54 18.91 19.53
N ARG A 215 -10.91 20.18 19.54
CA ARG A 215 -10.41 21.19 20.48
C ARG A 215 -10.66 20.83 21.94
N GLU A 216 -11.80 20.23 22.18
CA GLU A 216 -12.14 19.79 23.53
C GLU A 216 -12.22 18.28 23.76
N LEU A 217 -11.63 17.43 22.90
CA LEU A 217 -11.46 16.01 23.22
C LEU A 217 -10.80 15.91 24.59
N PRO A 218 -11.05 14.81 25.33
CA PRO A 218 -10.35 14.60 26.64
C PRO A 218 -8.86 14.66 26.50
N GLU A 219 -8.22 15.29 27.48
CA GLU A 219 -6.82 15.58 27.44
C GLU A 219 -5.97 14.34 27.22
N ALA A 220 -6.30 13.20 27.85
CA ALA A 220 -5.52 11.96 27.72
C ALA A 220 -5.55 11.49 26.26
N GLN A 221 -6.68 11.62 25.61
CA GLN A 221 -6.80 11.27 24.20
C GLN A 221 -5.97 12.23 23.29
N ARG A 222 -6.05 13.55 23.52
CA ARG A 222 -5.27 14.53 22.78
CA ARG A 222 -5.25 14.53 22.78
C ARG A 222 -3.79 14.21 22.95
N GLU A 223 -3.39 13.91 24.19
CA GLU A 223 -1.98 13.66 24.45
C GLU A 223 -1.50 12.42 23.76
N ALA A 224 -2.29 11.37 23.77
CA ALA A 224 -1.92 10.13 23.12
C ALA A 224 -1.74 10.39 21.62
N LEU A 225 -2.67 11.14 21.04
CA LEU A 225 -2.56 11.42 19.60
C LEU A 225 -1.36 12.27 19.30
N LEU A 226 -1.05 13.29 20.09
CA LEU A 226 0.11 14.10 19.85
C LEU A 226 1.40 13.31 19.89
N GLY A 227 1.44 12.31 20.75
CA GLY A 227 2.62 11.45 20.83
C GLY A 227 2.86 10.58 19.61
N GLN A 228 1.86 10.41 18.76
CA GLN A 228 1.95 9.60 17.53
C GLN A 228 2.32 10.48 16.31
N ILE A 229 2.52 11.79 16.54
CA ILE A 229 2.72 12.76 15.46
C ILE A 229 4.14 13.29 15.53
N PRO A 230 4.95 12.93 14.54
CA PRO A 230 6.39 13.41 14.45
C PRO A 230 6.55 14.88 14.58
N LEU A 231 5.69 15.67 13.91
CA LEU A 231 5.77 17.14 14.04
C LEU A 231 5.42 17.60 15.45
N GLY A 232 4.70 16.79 16.20
CA GLY A 232 4.50 17.13 17.66
C GLY A 232 3.47 18.21 17.94
N ARG A 233 2.58 18.47 16.96
CA ARG A 233 1.57 19.49 17.06
C ARG A 233 0.40 19.07 16.22
N LEU A 234 -0.77 19.67 16.53
CA LEU A 234 -1.94 19.50 15.68
C LEU A 234 -1.75 20.32 14.44
N GLY A 235 -2.42 19.95 13.36
CA GLY A 235 -2.39 20.73 12.16
C GLY A 235 -3.45 21.85 12.29
N GLN A 236 -3.29 22.89 11.48
CA GLN A 236 -4.31 23.97 11.39
C GLN A 236 -5.20 23.73 10.19
N ALA A 237 -6.45 24.17 10.29
CA ALA A 237 -7.34 24.04 9.17
C ALA A 237 -6.71 24.67 7.92
N GLU A 238 -6.01 25.79 8.08
CA GLU A 238 -5.45 26.51 6.95
C GLU A 238 -4.39 25.64 6.22
N GLU A 239 -3.73 24.77 6.97
CA GLU A 239 -2.72 23.85 6.41
C GLU A 239 -3.40 22.81 5.47
N ILE A 240 -4.64 22.40 5.76
CA ILE A 240 -5.41 21.61 4.85
C ILE A 240 -5.82 22.43 3.64
N ALA A 241 -6.29 23.63 3.92
CA ALA A 241 -6.74 24.52 2.82
C ALA A 241 -5.68 24.90 1.79
N LYS A 242 -4.44 25.08 2.23
CA LYS A 242 -3.39 25.41 1.32
C LYS A 242 -3.17 24.28 0.32
N VAL A 243 -3.24 23.03 0.77
CA VAL A 243 -3.07 21.85 -0.11
C VAL A 243 -4.21 21.86 -1.16
N VAL A 244 -5.41 22.12 -0.70
CA VAL A 244 -6.57 22.14 -1.61
C VAL A 244 -6.39 23.22 -2.67
N GLY A 245 -5.90 24.36 -2.25
CA GLY A 245 -5.66 25.48 -3.13
C GLY A 245 -4.67 25.12 -4.22
N PHE A 246 -3.63 24.43 -3.81
CA PHE A 246 -2.63 23.97 -4.77
C PHE A 246 -3.23 22.99 -5.76
N LEU A 247 -3.97 22.02 -5.28
CA LEU A 247 -4.56 21.03 -6.13
C LEU A 247 -5.55 21.65 -7.16
N ALA A 248 -6.24 22.69 -6.74
CA ALA A 248 -7.18 23.41 -7.65
C ALA A 248 -6.50 24.23 -8.77
N SER A 249 -5.20 24.47 -8.61
CA SER A 249 -4.40 25.34 -9.50
C SER A 249 -4.03 24.65 -10.81
N ASP A 250 -3.64 25.44 -11.78
CA ASP A 250 -3.17 24.89 -13.03
C ASP A 250 -1.83 24.17 -12.88
N GLY A 251 -1.06 24.51 -11.86
CA GLY A 251 0.22 23.83 -11.56
C GLY A 251 0.09 22.38 -11.10
N ALA A 252 -1.08 22.02 -10.62
CA ALA A 252 -1.40 20.67 -10.33
C ALA A 252 -2.12 19.90 -11.42
N ALA A 253 -2.03 20.35 -12.66
CA ALA A 253 -2.79 19.72 -13.72
C ALA A 253 -2.41 18.26 -14.07
N TYR A 254 -1.24 17.82 -13.66
CA TYR A 254 -0.83 16.46 -13.92
C TYR A 254 -1.02 15.53 -12.68
N VAL A 255 -1.52 16.08 -11.59
CA VAL A 255 -1.85 15.31 -10.36
C VAL A 255 -3.29 14.91 -10.44
N THR A 256 -3.53 13.62 -10.58
CA THR A 256 -4.92 13.06 -10.53
C THR A 256 -4.91 11.69 -9.97
N GLY A 257 -5.97 11.37 -9.22
CA GLY A 257 -6.18 10.13 -8.56
C GLY A 257 -5.38 9.98 -7.30
N ALA A 258 -4.81 11.08 -6.84
CA ALA A 258 -3.92 11.07 -5.70
C ALA A 258 -4.70 11.37 -4.41
N THR A 259 -4.22 10.78 -3.29
CA THR A 259 -4.69 11.24 -1.96
C THR A 259 -3.48 11.77 -1.27
N VAL A 260 -3.51 13.03 -0.92
CA VAL A 260 -2.39 13.70 -0.27
C VAL A 260 -2.64 13.67 1.23
N PRO A 261 -1.79 12.95 1.98
CA PRO A 261 -1.92 12.94 3.47
C PRO A 261 -1.38 14.20 4.02
N VAL A 262 -2.12 14.81 4.95
CA VAL A 262 -1.70 16.05 5.58
C VAL A 262 -1.83 15.84 7.08
N ASN A 263 -0.83 15.17 7.62
CA ASN A 263 -0.95 14.58 8.97
C ASN A 263 0.26 14.67 9.86
N GLY A 264 1.20 15.52 9.49
CA GLY A 264 2.35 15.70 10.31
C GLY A 264 3.19 14.46 10.56
N GLY A 265 3.12 13.48 9.65
CA GLY A 265 3.89 12.27 9.71
C GLY A 265 3.25 11.11 10.49
N MET A 266 2.04 11.29 10.93
CA MET A 266 1.35 10.31 11.75
C MET A 266 0.53 9.53 10.77
N TYR A 267 0.99 8.34 10.43
CA TYR A 267 0.17 7.49 9.45
C TYR A 267 -0.60 6.36 10.13
N MET A 268 -1.94 6.37 10.01
CA MET A 268 -2.80 5.41 10.72
C MET A 268 -3.57 4.65 9.65
N SER A 269 -3.47 3.31 9.71
CA SER A 269 -4.01 2.39 8.69
C SER A 269 -4.70 1.19 9.38
N MET B 23 -4.71 -28.95 9.65
CA MET B 23 -5.05 -28.68 8.21
C MET B 23 -6.43 -29.25 7.80
N SER B 24 -7.02 -30.09 8.67
CA SER B 24 -8.29 -30.74 8.34
C SER B 24 -9.53 -30.02 8.93
N LEU B 25 -10.62 -30.19 8.20
CA LEU B 25 -11.87 -29.48 8.44
C LEU B 25 -12.99 -30.45 8.76
N GLN B 26 -12.66 -31.71 9.17
CA GLN B 26 -13.70 -32.61 9.65
C GLN B 26 -14.49 -32.01 10.78
N GLY B 27 -15.77 -32.15 10.73
CA GLY B 27 -16.65 -31.59 11.78
C GLY B 27 -17.11 -30.17 11.55
N LYS B 28 -16.64 -29.55 10.48
CA LYS B 28 -17.07 -28.18 10.16
C LYS B 28 -17.99 -28.14 8.98
N VAL B 29 -18.91 -27.20 8.99
CA VAL B 29 -19.82 -26.93 7.89
C VAL B 29 -19.35 -25.66 7.16
N ALA B 30 -19.20 -25.74 5.87
CA ALA B 30 -18.76 -24.66 5.06
C ALA B 30 -19.85 -24.25 4.09
N LEU B 31 -20.05 -22.94 3.95
CA LEU B 31 -20.90 -22.41 2.93
C LEU B 31 -20.05 -21.73 1.87
N VAL B 32 -20.20 -22.10 0.61
CA VAL B 32 -19.47 -21.45 -0.49
C VAL B 32 -20.51 -20.88 -1.46
N THR B 33 -20.60 -19.54 -1.56
CA THR B 33 -21.55 -18.90 -2.51
C THR B 33 -20.96 -18.87 -3.92
N GLY B 34 -21.80 -18.97 -4.91
CA GLY B 34 -21.37 -19.09 -6.31
C GLY B 34 -20.49 -20.29 -6.65
N ALA B 35 -20.91 -21.49 -6.22
CA ALA B 35 -20.15 -22.73 -6.31
C ALA B 35 -20.41 -23.58 -7.57
N SER B 36 -21.15 -23.08 -8.53
CA SER B 36 -21.49 -23.97 -9.67
C SER B 36 -20.42 -24.17 -10.75
N ARG B 37 -19.44 -23.28 -10.82
CA ARG B 37 -18.40 -23.39 -11.83
C ARG B 37 -17.12 -22.67 -11.35
N GLY B 38 -16.05 -22.88 -12.11
CA GLY B 38 -14.78 -22.17 -11.97
C GLY B 38 -14.30 -22.16 -10.52
N ILE B 39 -13.96 -20.97 -10.05
CA ILE B 39 -13.29 -20.83 -8.78
C ILE B 39 -14.18 -21.34 -7.64
N GLY B 40 -15.44 -20.96 -7.65
CA GLY B 40 -16.35 -21.39 -6.57
C GLY B 40 -16.44 -22.91 -6.48
N GLN B 41 -16.54 -23.59 -7.62
CA GLN B 41 -16.64 -25.02 -7.63
C GLN B 41 -15.37 -25.64 -7.09
N ALA B 42 -14.22 -25.10 -7.47
CA ALA B 42 -12.94 -25.60 -6.99
C ALA B 42 -12.82 -25.44 -5.49
N ILE B 43 -13.24 -24.31 -5.01
CA ILE B 43 -13.27 -24.08 -3.56
C ILE B 43 -14.13 -25.07 -2.81
N ALA B 44 -15.33 -25.31 -3.32
CA ALA B 44 -16.22 -26.29 -2.72
C ALA B 44 -15.58 -27.69 -2.63
N LEU B 45 -14.97 -28.12 -3.73
CA LEU B 45 -14.28 -29.39 -3.78
C LEU B 45 -13.09 -29.46 -2.86
N GLU B 46 -12.31 -28.39 -2.78
CA GLU B 46 -11.19 -28.39 -1.87
C GLU B 46 -11.59 -28.47 -0.40
N LEU B 47 -12.58 -27.72 0.02
CA LEU B 47 -13.02 -27.76 1.39
C LEU B 47 -13.62 -29.14 1.72
N GLY B 48 -14.29 -29.70 0.77
CA GLY B 48 -14.80 -31.09 0.88
C GLY B 48 -13.69 -32.09 1.03
N ARG B 49 -12.65 -31.96 0.23
CA ARG B 49 -11.49 -32.85 0.26
C ARG B 49 -10.82 -32.82 1.66
N LEU B 50 -10.83 -31.63 2.30
CA LEU B 50 -10.23 -31.42 3.62
C LEU B 50 -11.14 -31.92 4.73
N GLY B 51 -12.32 -32.39 4.36
CA GLY B 51 -13.26 -33.01 5.29
C GLY B 51 -14.45 -32.21 5.72
N ALA B 52 -14.65 -31.01 5.21
CA ALA B 52 -15.84 -30.24 5.55
C ALA B 52 -17.10 -30.79 4.90
N VAL B 53 -18.21 -30.55 5.55
CA VAL B 53 -19.53 -30.64 4.95
C VAL B 53 -19.77 -29.35 4.21
N VAL B 54 -20.09 -29.41 2.92
CA VAL B 54 -20.14 -28.25 2.08
C VAL B 54 -21.52 -27.96 1.57
N ILE B 55 -21.98 -26.74 1.84
CA ILE B 55 -23.11 -26.19 1.16
C ILE B 55 -22.62 -25.25 0.06
N GLY B 56 -22.86 -25.60 -1.20
CA GLY B 56 -22.56 -24.68 -2.29
C GLY B 56 -23.85 -24.02 -2.79
N THR B 57 -23.77 -22.76 -3.21
CA THR B 57 -24.98 -22.06 -3.70
C THR B 57 -24.86 -21.49 -5.09
N ALA B 58 -26.02 -21.35 -5.73
CA ALA B 58 -26.10 -20.74 -7.04
C ALA B 58 -27.36 -19.93 -7.04
N THR B 59 -27.50 -19.06 -8.04
CA THR B 59 -28.73 -18.23 -8.13
C THR B 59 -29.92 -18.92 -8.80
N SER B 60 -29.71 -20.08 -9.43
CA SER B 60 -30.79 -20.83 -10.09
C SER B 60 -30.87 -22.26 -9.58
N ALA B 61 -32.04 -22.87 -9.75
CA ALA B 61 -32.25 -24.29 -9.42
C ALA B 61 -31.30 -25.17 -10.25
N SER B 62 -31.06 -24.81 -11.52
CA SER B 62 -30.18 -25.60 -12.36
C SER B 62 -28.74 -25.57 -11.82
N GLY B 63 -28.29 -24.41 -11.38
CA GLY B 63 -26.96 -24.28 -10.75
C GLY B 63 -26.87 -25.06 -9.44
N ALA B 64 -27.92 -25.03 -8.63
CA ALA B 64 -27.97 -25.81 -7.38
C ALA B 64 -27.87 -27.30 -7.65
N GLU B 65 -28.62 -27.78 -8.68
CA GLU B 65 -28.56 -29.19 -9.04
C GLU B 65 -27.17 -29.59 -9.50
N LYS B 66 -26.54 -28.76 -10.34
CA LYS B 66 -25.15 -29.01 -10.77
C LYS B 66 -24.22 -29.13 -9.58
N ILE B 67 -24.40 -28.26 -8.63
CA ILE B 67 -23.57 -28.34 -7.40
C ILE B 67 -23.78 -29.64 -6.65
N ALA B 68 -25.04 -30.01 -6.44
CA ALA B 68 -25.32 -31.23 -5.71
C ALA B 68 -24.74 -32.44 -6.43
N GLU B 69 -24.83 -32.45 -7.75
CA GLU B 69 -24.27 -33.57 -8.52
C GLU B 69 -22.76 -33.60 -8.41
N THR B 70 -22.16 -32.41 -8.45
CA THR B 70 -20.72 -32.35 -8.37
C THR B 70 -20.23 -32.82 -7.01
N LEU B 71 -20.89 -32.39 -5.94
CA LEU B 71 -20.46 -32.81 -4.62
C LEU B 71 -20.56 -34.32 -4.45
N LYS B 72 -21.73 -34.85 -4.87
CA LYS B 72 -21.95 -36.32 -4.86
C LYS B 72 -20.90 -37.07 -5.63
N ALA B 73 -20.63 -36.62 -6.84
CA ALA B 73 -19.60 -37.28 -7.68
C ALA B 73 -18.24 -37.30 -7.06
N ASN B 74 -17.93 -36.32 -6.17
CA ASN B 74 -16.64 -36.25 -5.53
C ASN B 74 -16.63 -36.75 -4.10
N GLY B 75 -17.74 -37.35 -3.66
CA GLY B 75 -17.81 -37.92 -2.33
C GLY B 75 -17.85 -36.90 -1.20
N VAL B 76 -18.36 -35.71 -1.49
CA VAL B 76 -18.46 -34.67 -0.47
C VAL B 76 -19.89 -34.62 0.04
N GLU B 77 -20.06 -34.62 1.35
CA GLU B 77 -21.37 -34.41 2.00
C GLU B 77 -21.70 -32.95 2.03
N GLY B 78 -22.99 -32.64 1.92
CA GLY B 78 -23.44 -31.30 1.92
C GLY B 78 -24.72 -31.07 1.17
N ALA B 79 -24.81 -29.95 0.44
CA ALA B 79 -25.95 -29.68 -0.40
C ALA B 79 -25.66 -28.64 -1.44
N GLY B 80 -26.53 -28.55 -2.47
CA GLY B 80 -26.54 -27.45 -3.47
C GLY B 80 -27.82 -26.69 -3.24
N LEU B 81 -27.73 -25.38 -2.97
CA LEU B 81 -28.91 -24.58 -2.62
C LEU B 81 -28.99 -23.35 -3.50
N VAL B 82 -30.21 -22.82 -3.67
CA VAL B 82 -30.37 -21.56 -4.35
C VAL B 82 -30.28 -20.43 -3.37
N LEU B 83 -29.44 -19.43 -3.68
CA LEU B 83 -29.24 -18.29 -2.81
C LEU B 83 -29.01 -17.10 -3.70
N ASP B 84 -29.73 -16.02 -3.44
CA ASP B 84 -29.46 -14.74 -4.05
C ASP B 84 -28.90 -13.76 -2.98
N VAL B 85 -27.58 -13.49 -3.02
CA VAL B 85 -26.93 -12.71 -1.97
C VAL B 85 -27.34 -11.24 -2.00
N SER B 86 -28.00 -10.84 -3.10
CA SER B 86 -28.53 -9.49 -3.21
C SER B 86 -29.85 -9.28 -2.43
N SER B 87 -30.41 -10.35 -1.85
CA SER B 87 -31.72 -10.33 -1.22
C SER B 87 -31.73 -10.70 0.25
N ASP B 88 -32.21 -9.81 1.11
CA ASP B 88 -32.23 -10.11 2.58
C ASP B 88 -33.08 -11.34 2.85
N GLU B 89 -34.19 -11.45 2.10
CA GLU B 89 -35.10 -12.57 2.25
C GLU B 89 -34.40 -13.87 1.89
N SER B 90 -33.75 -13.89 0.72
CA SER B 90 -33.09 -15.12 0.26
C SER B 90 -32.00 -15.56 1.26
N VAL B 91 -31.23 -14.59 1.73
CA VAL B 91 -30.16 -14.88 2.75
C VAL B 91 -30.72 -15.42 4.03
N ALA B 92 -31.73 -14.77 4.60
CA ALA B 92 -32.32 -15.26 5.87
C ALA B 92 -32.95 -16.67 5.75
N ALA B 93 -33.69 -16.87 4.68
CA ALA B 93 -34.37 -18.12 4.43
C ALA B 93 -33.39 -19.24 4.19
N THR B 94 -32.33 -18.96 3.42
CA THR B 94 -31.33 -20.00 3.14
C THR B 94 -30.57 -20.39 4.40
N LEU B 95 -30.16 -19.41 5.20
CA LEU B 95 -29.46 -19.74 6.46
C LEU B 95 -30.28 -20.54 7.41
N GLU B 96 -31.57 -20.19 7.48
CA GLU B 96 -32.42 -20.89 8.45
C GLU B 96 -32.57 -22.33 8.03
N HIS B 97 -32.79 -22.55 6.74
CA HIS B 97 -32.81 -23.86 6.17
C HIS B 97 -31.51 -24.68 6.46
N ILE B 98 -30.33 -24.08 6.28
CA ILE B 98 -29.08 -24.76 6.56
C ILE B 98 -29.00 -25.14 8.03
N GLN B 99 -29.35 -24.21 8.89
CA GLN B 99 -29.21 -24.45 10.33
C GLN B 99 -30.10 -25.63 10.76
N GLN B 100 -31.29 -25.69 10.19
CA GLN B 100 -32.22 -26.77 10.56
C GLN B 100 -31.79 -28.12 10.04
N HIS B 101 -31.20 -28.18 8.84
CA HIS B 101 -30.93 -29.44 8.18
C HIS B 101 -29.48 -29.91 8.21
N LEU B 102 -28.49 -28.98 8.27
CA LEU B 102 -27.08 -29.40 8.30
C LEU B 102 -26.31 -28.93 9.47
N GLY B 103 -26.63 -27.75 10.01
CA GLY B 103 -25.86 -27.19 11.11
C GLY B 103 -25.37 -25.80 10.71
N GLN B 104 -24.71 -25.17 11.65
CA GLN B 104 -24.31 -23.82 11.54
C GLN B 104 -23.02 -23.66 10.68
N PRO B 105 -23.03 -22.86 9.64
CA PRO B 105 -21.79 -22.76 8.85
C PRO B 105 -20.75 -21.90 9.55
N LEU B 106 -19.60 -22.48 9.87
CA LEU B 106 -18.55 -21.75 10.53
C LEU B 106 -17.45 -21.36 9.57
N ILE B 107 -17.46 -21.85 8.33
CA ILE B 107 -16.56 -21.42 7.26
C ILE B 107 -17.45 -20.90 6.13
N VAL B 108 -17.31 -19.62 5.83
CA VAL B 108 -18.13 -18.96 4.82
C VAL B 108 -17.22 -18.36 3.80
N VAL B 109 -17.35 -18.81 2.55
CA VAL B 109 -16.60 -18.32 1.47
C VAL B 109 -17.51 -17.59 0.49
N ASN B 110 -17.25 -16.32 0.37
CA ASN B 110 -18.06 -15.40 -0.47
C ASN B 110 -17.43 -15.32 -1.87
N ASN B 111 -18.06 -15.98 -2.83
CA ASN B 111 -17.63 -15.93 -4.21
C ASN B 111 -18.74 -15.50 -5.18
N ALA B 112 -19.92 -15.23 -4.70
CA ALA B 112 -21.03 -14.75 -5.59
C ALA B 112 -20.80 -13.31 -5.97
N GLU B 127 -19.43 2.81 -14.32
CA GLU B 127 -19.89 1.47 -13.84
C GLU B 127 -19.24 0.87 -12.54
N TRP B 128 -17.97 1.19 -12.38
CA TRP B 128 -17.17 0.65 -11.25
C TRP B 128 -17.92 0.92 -9.95
N PHE B 129 -18.58 2.08 -9.80
CA PHE B 129 -19.17 2.40 -8.50
C PHE B 129 -20.34 1.49 -8.13
N ASP B 130 -21.28 1.34 -9.06
CA ASP B 130 -22.43 0.46 -8.82
CA ASP B 130 -22.41 0.45 -8.83
C ASP B 130 -21.99 -1.01 -8.58
N VAL B 131 -20.98 -1.47 -9.29
CA VAL B 131 -20.48 -2.84 -9.08
C VAL B 131 -19.89 -3.01 -7.68
N VAL B 132 -18.99 -2.11 -7.27
CA VAL B 132 -18.42 -2.21 -5.96
C VAL B 132 -19.50 -2.04 -4.89
N ASN B 133 -20.38 -1.07 -5.03
CA ASN B 133 -21.41 -0.79 -4.05
C ASN B 133 -22.31 -2.04 -3.85
N THR B 134 -22.69 -2.66 -4.96
CA THR B 134 -23.55 -3.82 -4.91
C THR B 134 -22.82 -4.99 -4.24
N ASN B 135 -21.60 -5.22 -4.68
CA ASN B 135 -20.82 -6.34 -4.15
C ASN B 135 -20.53 -6.19 -2.65
N LEU B 136 -20.15 -4.99 -2.19
CA LEU B 136 -19.83 -4.84 -0.75
C LEU B 136 -21.08 -4.85 0.10
N ASN B 137 -22.17 -4.34 -0.42
CA ASN B 137 -23.42 -4.48 0.30
C ASN B 137 -23.88 -5.93 0.43
N SER B 138 -23.66 -6.75 -0.60
CA SER B 138 -23.87 -8.20 -0.48
C SER B 138 -22.96 -8.90 0.50
N LEU B 139 -21.69 -8.56 0.50
CA LEU B 139 -20.77 -9.15 1.45
C LEU B 139 -21.21 -8.82 2.85
N TYR B 140 -21.65 -7.60 3.07
CA TYR B 140 -22.02 -7.17 4.41
C TYR B 140 -23.30 -7.93 4.86
N ARG B 141 -24.27 -8.04 3.93
CA ARG B 141 -25.51 -8.76 4.22
C ARG B 141 -25.22 -10.19 4.67
N LEU B 142 -24.42 -10.90 3.91
CA LEU B 142 -24.17 -12.32 4.23
C LEU B 142 -23.34 -12.44 5.46
N SER B 143 -22.33 -11.59 5.59
CA SER B 143 -21.43 -11.73 6.75
C SER B 143 -22.23 -11.54 8.02
N LYS B 144 -23.02 -10.49 8.07
CA LYS B 144 -23.82 -10.23 9.31
C LYS B 144 -24.73 -11.40 9.68
N ALA B 145 -25.31 -12.03 8.66
CA ALA B 145 -26.21 -13.14 8.87
C ALA B 145 -25.44 -14.33 9.45
N VAL B 146 -24.26 -14.65 8.92
CA VAL B 146 -23.54 -15.82 9.42
C VAL B 146 -22.76 -15.59 10.68
N LEU B 147 -22.56 -14.35 11.03
CA LEU B 147 -21.81 -14.07 12.22
C LEU B 147 -22.46 -14.46 13.55
N ARG B 148 -23.78 -14.51 13.61
CA ARG B 148 -24.43 -14.98 14.84
C ARG B 148 -23.98 -16.38 15.21
N GLY B 149 -23.97 -17.28 14.22
CA GLY B 149 -23.56 -18.63 14.49
C GLY B 149 -22.11 -18.79 14.87
N MET B 150 -21.26 -18.02 14.20
CA MET B 150 -19.86 -18.02 14.49
C MET B 150 -19.61 -17.48 15.93
N THR B 151 -20.37 -16.49 16.29
CA THR B 151 -20.23 -15.90 17.64
C THR B 151 -20.61 -16.92 18.72
N LYS B 152 -21.66 -17.69 18.47
CA LYS B 152 -22.07 -18.81 19.34
C LYS B 152 -21.03 -19.83 19.50
N ALA B 153 -20.39 -20.23 18.39
CA ALA B 153 -19.28 -21.16 18.45
C ALA B 153 -17.97 -20.62 18.94
N ARG B 154 -17.83 -19.32 19.04
CA ARG B 154 -16.59 -18.64 19.33
C ARG B 154 -15.47 -19.05 18.40
N TRP B 155 -15.80 -19.17 17.13
CA TRP B 155 -14.88 -19.57 16.13
C TRP B 155 -15.49 -19.32 14.76
N GLY B 156 -14.69 -18.87 13.76
CA GLY B 156 -15.21 -18.72 12.41
C GLY B 156 -14.18 -18.35 11.41
N ARG B 157 -14.52 -18.57 10.12
CA ARG B 157 -13.66 -18.16 9.03
C ARG B 157 -14.54 -17.55 7.99
N ILE B 158 -14.31 -16.30 7.67
CA ILE B 158 -14.99 -15.64 6.56
C ILE B 158 -13.85 -15.37 5.53
N ILE B 159 -14.04 -15.81 4.30
CA ILE B 159 -13.06 -15.68 3.26
C ILE B 159 -13.75 -15.13 2.04
N ASN B 160 -13.34 -13.95 1.67
CA ASN B 160 -13.98 -13.23 0.54
C ASN B 160 -13.13 -13.32 -0.71
N ILE B 161 -13.69 -13.74 -1.82
CA ILE B 161 -12.98 -13.96 -3.05
C ILE B 161 -13.15 -12.75 -3.97
N GLY B 162 -12.02 -12.19 -4.38
CA GLY B 162 -12.03 -11.06 -5.27
C GLY B 162 -12.36 -11.44 -6.67
N SER B 163 -12.54 -10.44 -7.50
CA SER B 163 -12.79 -10.68 -8.91
C SER B 163 -11.53 -10.85 -9.69
N VAL B 164 -11.58 -11.73 -10.67
CA VAL B 164 -10.44 -11.90 -11.55
C VAL B 164 -10.38 -10.71 -12.47
N VAL B 165 -9.25 -10.51 -13.12
CA VAL B 165 -9.23 -9.43 -14.10
C VAL B 165 -10.23 -9.74 -15.20
N GLY B 166 -11.20 -8.86 -15.46
CA GLY B 166 -12.36 -9.17 -16.30
C GLY B 166 -12.23 -8.72 -17.74
N ALA B 167 -11.29 -7.81 -17.99
CA ALA B 167 -11.11 -7.17 -19.28
C ALA B 167 -9.76 -6.48 -19.30
N MET B 168 -9.19 -6.37 -20.49
CA MET B 168 -7.78 -5.98 -20.64
C MET B 168 -7.51 -4.49 -20.56
N GLY B 169 -8.46 -3.68 -21.03
CA GLY B 169 -8.20 -2.27 -21.31
C GLY B 169 -8.22 -1.43 -20.05
N ASN B 170 -8.39 -0.13 -20.24
CA ASN B 170 -8.42 0.81 -19.14
C ASN B 170 -9.63 0.64 -18.24
N ALA B 171 -10.82 0.45 -18.81
CA ALA B 171 -12.03 0.25 -18.00
C ALA B 171 -11.86 -0.99 -17.11
N GLY B 172 -11.27 -2.02 -17.70
CA GLY B 172 -10.96 -3.24 -16.98
C GLY B 172 -10.05 -3.00 -15.82
N GLN B 173 -8.99 -2.22 -16.04
CA GLN B 173 -8.04 -1.96 -14.98
C GLN B 173 -8.73 -1.15 -13.88
N THR B 174 -9.51 -0.13 -14.27
CA THR B 174 -10.25 0.69 -13.27
C THR B 174 -11.16 -0.15 -12.39
N ASN B 175 -11.98 -1.00 -13.02
CA ASN B 175 -12.89 -1.87 -12.34
C ASN B 175 -12.21 -2.87 -11.44
N TYR B 176 -11.18 -3.56 -11.97
CA TYR B 176 -10.41 -4.54 -11.18
C TYR B 176 -9.78 -3.89 -9.95
N ALA B 177 -9.13 -2.73 -10.16
CA ALA B 177 -8.49 -2.07 -9.06
C ALA B 177 -9.49 -1.54 -8.05
N ALA B 178 -10.65 -1.01 -8.49
CA ALA B 178 -11.63 -0.49 -7.52
C ALA B 178 -12.25 -1.57 -6.71
N ALA B 179 -12.57 -2.69 -7.36
CA ALA B 179 -13.16 -3.80 -6.64
C ALA B 179 -12.16 -4.36 -5.64
N LYS B 180 -10.92 -4.46 -6.05
CA LYS B 180 -9.93 -4.99 -5.12
C LYS B 180 -9.70 -4.05 -3.92
N ALA B 181 -9.68 -2.73 -4.19
CA ALA B 181 -9.49 -1.77 -3.11
C ALA B 181 -10.65 -1.83 -2.15
N GLY B 182 -11.85 -1.96 -2.68
CA GLY B 182 -13.00 -2.11 -1.82
C GLY B 182 -12.97 -3.35 -0.96
N LEU B 183 -12.65 -4.48 -1.60
CA LEU B 183 -12.54 -5.74 -0.91
C LEU B 183 -11.48 -5.69 0.17
N GLU B 184 -10.33 -5.13 -0.11
CA GLU B 184 -9.22 -5.09 0.85
CA GLU B 184 -9.24 -5.10 0.86
C GLU B 184 -9.65 -4.32 2.07
N GLY B 185 -10.29 -3.16 1.83
CA GLY B 185 -10.64 -2.31 2.98
C GLY B 185 -11.79 -2.89 3.77
N PHE B 186 -12.82 -3.40 3.08
CA PHE B 186 -13.94 -4.08 3.72
C PHE B 186 -13.43 -5.21 4.64
N THR B 187 -12.53 -6.03 4.09
CA THR B 187 -11.96 -7.17 4.82
C THR B 187 -11.23 -6.77 6.05
N ARG B 188 -10.41 -5.73 5.95
CA ARG B 188 -9.64 -5.26 7.07
C ARG B 188 -10.56 -4.73 8.19
N ALA B 189 -11.61 -4.04 7.80
CA ALA B 189 -12.50 -3.49 8.76
C ALA B 189 -13.38 -4.57 9.49
N LEU B 190 -13.94 -5.49 8.74
CA LEU B 190 -14.75 -6.53 9.36
C LEU B 190 -13.86 -7.36 10.27
N ALA B 191 -12.62 -7.61 9.88
CA ALA B 191 -11.70 -8.39 10.72
C ALA B 191 -11.53 -7.71 12.08
N ARG B 192 -11.41 -6.37 12.06
CA ARG B 192 -11.31 -5.60 13.31
C ARG B 192 -12.53 -5.79 14.16
N GLU B 193 -13.70 -5.71 13.53
CA GLU B 193 -14.95 -5.79 14.25
C GLU B 193 -15.20 -7.15 14.94
N VAL B 194 -14.75 -8.27 14.34
CA VAL B 194 -15.09 -9.63 14.82
C VAL B 194 -13.96 -10.41 15.47
N GLY B 195 -12.76 -9.84 15.46
CA GLY B 195 -11.59 -10.50 15.99
C GLY B 195 -11.64 -10.96 17.42
N SER B 196 -12.29 -10.23 18.29
CA SER B 196 -12.32 -10.69 19.69
C SER B 196 -13.04 -12.03 19.85
N ARG B 197 -13.88 -12.36 18.87
CA ARG B 197 -14.62 -13.60 18.85
C ARG B 197 -13.93 -14.80 18.20
N ALA B 198 -12.63 -14.63 17.91
CA ALA B 198 -11.82 -15.72 17.31
C ALA B 198 -12.39 -16.10 15.95
N ILE B 199 -12.93 -15.09 15.26
CA ILE B 199 -13.36 -15.21 13.89
C ILE B 199 -12.37 -14.44 13.02
N THR B 200 -11.78 -15.09 12.02
CA THR B 200 -10.92 -14.42 11.10
C THR B 200 -11.69 -14.04 9.83
N VAL B 201 -11.22 -12.94 9.24
CA VAL B 201 -11.80 -12.43 8.02
C VAL B 201 -10.66 -12.12 7.07
N ASN B 202 -10.63 -12.80 5.91
CA ASN B 202 -9.53 -12.61 4.95
C ASN B 202 -10.10 -12.58 3.55
N ALA B 203 -9.27 -12.16 2.61
CA ALA B 203 -9.65 -12.15 1.23
C ALA B 203 -8.58 -12.83 0.39
N VAL B 204 -8.99 -13.29 -0.78
CA VAL B 204 -8.09 -13.85 -1.79
C VAL B 204 -8.36 -13.09 -3.07
N ALA B 205 -7.31 -12.47 -3.60
CA ALA B 205 -7.38 -11.59 -4.78
C ALA B 205 -6.72 -12.27 -5.99
N PRO B 206 -7.52 -12.96 -6.79
CA PRO B 206 -7.01 -13.65 -7.98
C PRO B 206 -6.61 -12.64 -9.09
N GLY B 207 -5.61 -13.03 -9.86
CA GLY B 207 -5.11 -12.23 -10.98
C GLY B 207 -5.83 -12.77 -12.18
N PHE B 208 -5.08 -13.26 -13.17
CA PHE B 208 -5.63 -13.87 -14.38
C PHE B 208 -5.69 -15.34 -14.20
N ILE B 209 -6.90 -15.89 -14.19
CA ILE B 209 -7.10 -17.29 -13.92
C ILE B 209 -7.74 -17.91 -15.14
N ASP B 210 -7.41 -19.15 -15.38
CA ASP B 210 -7.92 -19.85 -16.56
C ASP B 210 -9.46 -20.07 -16.41
N THR B 211 -10.22 -19.21 -17.10
CA THR B 211 -11.69 -19.11 -17.13
C THR B 211 -12.06 -18.46 -18.49
N ASP B 212 -13.34 -18.14 -18.65
CA ASP B 212 -13.89 -17.88 -19.97
C ASP B 212 -13.46 -16.58 -20.61
N MET B 213 -13.26 -15.53 -19.83
CA MET B 213 -12.67 -14.28 -20.40
C MET B 213 -11.29 -14.62 -21.02
N THR B 214 -10.52 -15.43 -20.31
CA THR B 214 -9.20 -15.83 -20.82
C THR B 214 -9.24 -16.93 -21.90
N ARG B 215 -10.14 -17.88 -21.74
CA ARG B 215 -10.30 -18.99 -22.65
C ARG B 215 -10.86 -18.58 -24.00
N GLU B 216 -11.46 -17.37 -24.10
CA GLU B 216 -11.93 -16.81 -25.38
C GLU B 216 -10.97 -15.81 -26.07
N LEU B 217 -9.78 -15.57 -25.55
CA LEU B 217 -8.93 -14.59 -26.13
C LEU B 217 -8.22 -15.02 -27.42
N PRO B 218 -8.17 -14.13 -28.41
CA PRO B 218 -7.24 -14.35 -29.54
C PRO B 218 -5.81 -14.58 -29.07
N GLU B 219 -5.06 -15.43 -29.78
CA GLU B 219 -3.67 -15.74 -29.39
C GLU B 219 -2.76 -14.53 -29.12
N ALA B 220 -2.86 -13.50 -29.98
CA ALA B 220 -2.07 -12.27 -29.78
C ALA B 220 -2.40 -11.63 -28.43
N GLN B 221 -3.67 -11.67 -28.04
CA GLN B 221 -4.08 -11.13 -26.75
C GLN B 221 -3.59 -12.00 -25.58
N ARG B 222 -3.71 -13.32 -25.71
CA ARG B 222 -3.24 -14.23 -24.68
C ARG B 222 -1.77 -14.08 -24.47
N GLU B 223 -1.02 -13.93 -25.55
CA GLU B 223 0.44 -13.79 -25.42
C GLU B 223 0.86 -12.51 -24.72
N ALA B 224 0.20 -11.42 -25.08
CA ALA B 224 0.47 -10.14 -24.43
C ALA B 224 0.18 -10.20 -22.94
N LEU B 225 -0.90 -10.90 -22.61
CA LEU B 225 -1.32 -11.06 -21.26
C LEU B 225 -0.29 -11.85 -20.46
N LEU B 226 0.10 -12.98 -21.00
CA LEU B 226 1.05 -13.83 -20.34
C LEU B 226 2.33 -13.11 -20.13
N GLY B 227 2.65 -12.19 -21.05
CA GLY B 227 3.89 -11.40 -20.85
C GLY B 227 3.90 -10.47 -19.63
N GLN B 228 2.74 -10.16 -19.07
CA GLN B 228 2.66 -9.32 -17.89
C GLN B 228 2.72 -10.13 -16.59
N ILE B 229 2.78 -11.46 -16.73
CA ILE B 229 2.71 -12.33 -15.57
C ILE B 229 4.11 -12.93 -15.43
N PRO B 230 4.83 -12.60 -14.34
CA PRO B 230 6.15 -13.19 -14.06
C PRO B 230 6.24 -14.71 -14.16
N LEU B 231 5.24 -15.44 -13.68
CA LEU B 231 5.24 -16.88 -13.82
C LEU B 231 4.99 -17.34 -15.22
N GLY B 232 4.45 -16.50 -16.08
CA GLY B 232 4.34 -16.81 -17.50
C GLY B 232 3.22 -17.79 -17.83
N ARG B 233 2.23 -17.90 -16.94
CA ARG B 233 1.06 -18.80 -17.16
C ARG B 233 -0.17 -18.22 -16.43
N LEU B 234 -1.38 -18.68 -16.81
CA LEU B 234 -2.56 -18.32 -16.09
C LEU B 234 -2.65 -19.18 -14.89
N GLY B 235 -3.33 -18.71 -13.87
CA GLY B 235 -3.57 -19.53 -12.68
C GLY B 235 -4.68 -20.51 -12.93
N GLN B 236 -4.67 -21.61 -12.21
CA GLN B 236 -5.79 -22.59 -12.21
C GLN B 236 -6.75 -22.27 -11.07
N ALA B 237 -8.04 -22.58 -11.29
CA ALA B 237 -9.02 -22.41 -10.23
C ALA B 237 -8.59 -23.15 -8.98
N GLU B 238 -7.99 -24.31 -9.09
CA GLU B 238 -7.54 -25.08 -7.91
C GLU B 238 -6.48 -24.36 -7.11
N GLU B 239 -5.67 -23.53 -7.77
CA GLU B 239 -4.67 -22.74 -7.07
C GLU B 239 -5.29 -21.61 -6.17
N ILE B 240 -6.46 -21.11 -6.50
CA ILE B 240 -7.15 -20.24 -5.63
C ILE B 240 -7.72 -21.06 -4.49
N ALA B 241 -8.33 -22.18 -4.84
CA ALA B 241 -8.90 -23.06 -3.82
C ALA B 241 -7.94 -23.54 -2.75
N LYS B 242 -6.69 -23.82 -3.10
CA LYS B 242 -5.74 -24.26 -2.10
C LYS B 242 -5.44 -23.17 -1.07
N VAL B 243 -5.40 -21.94 -1.51
CA VAL B 243 -5.21 -20.81 -0.61
C VAL B 243 -6.37 -20.64 0.35
N VAL B 244 -7.58 -20.79 -0.19
CA VAL B 244 -8.77 -20.76 0.63
C VAL B 244 -8.74 -21.85 1.66
N GLY B 245 -8.38 -23.07 1.26
CA GLY B 245 -8.30 -24.21 2.18
C GLY B 245 -7.35 -23.94 3.34
N PHE B 246 -6.23 -23.31 3.04
CA PHE B 246 -5.26 -22.97 4.11
C PHE B 246 -5.85 -21.92 5.03
N LEU B 247 -6.47 -20.88 4.50
CA LEU B 247 -7.06 -19.80 5.33
C LEU B 247 -8.13 -20.36 6.26
N ALA B 248 -8.83 -21.40 5.81
CA ALA B 248 -9.88 -22.00 6.57
C ALA B 248 -9.42 -22.84 7.74
N SER B 249 -8.13 -23.19 7.71
CA SER B 249 -7.53 -24.11 8.64
C SER B 249 -7.18 -23.45 10.01
N ASP B 250 -6.88 -24.30 10.98
CA ASP B 250 -6.37 -23.82 12.25
C ASP B 250 -4.99 -23.23 12.20
N GLY B 251 -4.20 -23.64 11.22
CA GLY B 251 -2.88 -23.07 11.04
C GLY B 251 -2.87 -21.58 10.63
N ALA B 252 -3.99 -21.09 10.09
CA ALA B 252 -4.14 -19.71 9.76
C ALA B 252 -4.85 -18.88 10.78
N ALA B 253 -4.89 -19.34 12.05
CA ALA B 253 -5.66 -18.64 13.04
C ALA B 253 -5.20 -17.23 13.37
N TYR B 254 -3.91 -16.94 13.11
CA TYR B 254 -3.44 -15.61 13.43
C TYR B 254 -3.44 -14.70 12.19
N VAL B 255 -3.95 -15.18 11.07
CA VAL B 255 -4.05 -14.38 9.82
C VAL B 255 -5.47 -13.79 9.81
N THR B 256 -5.58 -12.50 9.92
CA THR B 256 -6.90 -11.81 9.82
C THR B 256 -6.73 -10.41 9.26
N GLY B 257 -7.71 -10.02 8.46
CA GLY B 257 -7.72 -8.76 7.79
C GLY B 257 -6.83 -8.71 6.55
N ALA B 258 -6.31 -9.86 6.15
CA ALA B 258 -5.38 -9.96 5.06
C ALA B 258 -6.05 -10.18 3.75
N THR B 259 -5.44 -9.67 2.66
CA THR B 259 -5.83 -10.05 1.33
C THR B 259 -4.62 -10.74 0.69
N VAL B 260 -4.76 -12.01 0.34
CA VAL B 260 -3.68 -12.79 -0.23
C VAL B 260 -3.82 -12.69 -1.73
N PRO B 261 -2.85 -12.07 -2.42
CA PRO B 261 -2.89 -12.02 -3.86
C PRO B 261 -2.45 -13.37 -4.45
N VAL B 262 -3.18 -13.86 -5.44
CA VAL B 262 -2.92 -15.10 -6.14
C VAL B 262 -2.92 -14.81 -7.61
N ASN B 263 -1.81 -14.28 -8.05
CA ASN B 263 -1.73 -13.65 -9.38
C ASN B 263 -0.46 -13.84 -10.17
N GLY B 264 0.38 -14.79 -9.72
CA GLY B 264 1.60 -15.15 -10.45
C GLY B 264 2.54 -14.02 -10.61
N GLY B 265 2.44 -13.03 -9.73
CA GLY B 265 3.32 -11.91 -9.75
C GLY B 265 2.88 -10.64 -10.52
N MET B 266 1.67 -10.69 -11.06
CA MET B 266 1.06 -9.62 -11.85
C MET B 266 0.28 -8.76 -10.86
N TYR B 267 0.85 -7.62 -10.47
CA TYR B 267 0.20 -6.68 -9.58
C TYR B 267 -0.36 -5.43 -10.32
N MET B 268 -1.67 -5.23 -10.27
CA MET B 268 -2.33 -4.03 -10.86
C MET B 268 -3.15 -3.38 -9.75
N SER B 269 -3.11 -2.06 -9.67
CA SER B 269 -4.01 -1.32 -8.76
C SER B 269 -4.31 0.08 -9.34
N HIS C 2 37.61 -28.85 19.73
CA HIS C 2 37.30 -27.93 18.57
C HIS C 2 35.85 -27.45 18.57
N HIS C 3 35.66 -26.21 18.12
CA HIS C 3 34.38 -25.79 17.57
C HIS C 3 34.16 -26.53 16.28
N HIS C 4 33.01 -27.13 16.17
CA HIS C 4 32.60 -27.83 14.97
C HIS C 4 31.41 -27.08 14.47
N HIS C 5 31.34 -26.91 13.16
CA HIS C 5 30.37 -26.01 12.62
C HIS C 5 29.24 -26.70 11.91
N HIS C 6 29.37 -28.01 11.65
CA HIS C 6 28.31 -28.80 11.00
CA HIS C 6 28.43 -28.79 10.94
C HIS C 6 27.94 -29.91 11.90
N HIS C 7 26.68 -29.87 12.28
CA HIS C 7 26.07 -30.88 13.14
C HIS C 7 24.90 -31.55 12.47
N SER C 8 24.97 -32.88 12.30
CA SER C 8 23.84 -33.68 11.77
CA SER C 8 23.87 -33.62 11.74
C SER C 8 22.76 -33.95 12.79
N SER C 9 21.55 -34.14 12.29
CA SER C 9 20.39 -34.54 13.11
CA SER C 9 20.42 -34.50 13.13
C SER C 9 20.55 -35.93 13.73
N GLY C 10 21.11 -36.86 12.94
CA GLY C 10 21.07 -38.30 13.27
C GLY C 10 20.01 -38.98 12.38
N VAL C 11 18.94 -38.24 12.06
CA VAL C 11 17.90 -38.61 11.04
C VAL C 11 16.77 -39.38 11.73
N ASN C 17 9.88 -46.14 9.96
CA ASN C 17 9.21 -46.44 8.72
C ASN C 17 7.71 -46.05 8.80
N LEU C 18 7.50 -44.92 9.46
CA LEU C 18 6.22 -44.30 9.68
C LEU C 18 6.04 -43.19 8.71
N TYR C 19 5.10 -43.32 7.78
CA TYR C 19 4.87 -42.28 6.81
C TYR C 19 3.72 -41.42 7.23
N PHE C 20 4.07 -40.21 7.71
CA PHE C 20 3.08 -39.30 8.17
C PHE C 20 2.41 -38.68 7.00
N GLN C 21 1.11 -38.50 7.10
CA GLN C 21 0.31 -37.94 6.03
C GLN C 21 0.78 -36.52 5.71
N SER C 22 1.27 -35.81 6.72
CA SER C 22 1.65 -34.39 6.49
C SER C 22 2.84 -34.27 5.52
N MET C 23 3.65 -35.32 5.37
CA MET C 23 4.92 -35.25 4.63
C MET C 23 4.77 -35.21 3.14
N SER C 24 4.71 -34.01 2.55
CA SER C 24 4.51 -33.82 1.11
C SER C 24 5.74 -33.28 0.32
N LEU C 25 6.73 -32.71 1.03
CA LEU C 25 7.90 -32.02 0.43
C LEU C 25 8.97 -33.05 0.01
N GLN C 26 8.69 -34.33 0.27
CA GLN C 26 9.43 -35.47 -0.30
C GLN C 26 10.93 -35.27 -0.26
N GLY C 27 11.42 -34.90 0.89
CA GLY C 27 12.85 -34.87 1.09
C GLY C 27 13.58 -33.71 0.44
N LYS C 28 12.85 -32.72 -0.20
CA LYS C 28 13.37 -31.43 -0.84
C LYS C 28 14.25 -30.93 0.21
N VAL C 29 15.31 -30.24 -0.14
CA VAL C 29 16.13 -29.66 0.91
C VAL C 29 15.65 -28.22 1.20
N ALA C 30 15.48 -27.91 2.48
CA ALA C 30 15.15 -26.57 2.91
C ALA C 30 16.27 -25.97 3.74
N LEU C 31 16.60 -24.73 3.45
CA LEU C 31 17.52 -23.96 4.25
C LEU C 31 16.76 -22.88 5.02
N VAL C 32 16.83 -22.90 6.34
CA VAL C 32 16.19 -21.94 7.20
C VAL C 32 17.25 -21.19 7.96
N THR C 33 17.44 -19.89 7.65
CA THR C 33 18.44 -19.10 8.36
C THR C 33 17.92 -18.62 9.67
N GLY C 34 18.78 -18.59 10.67
CA GLY C 34 18.38 -18.13 12.00
C GLY C 34 17.37 -19.09 12.66
N ALA C 35 17.70 -20.37 12.68
CA ALA C 35 16.79 -21.44 13.15
C ALA C 35 16.95 -21.86 14.60
N SER C 36 17.75 -21.15 15.39
CA SER C 36 18.06 -21.71 16.70
C SER C 36 16.97 -21.45 17.76
N ARG C 37 16.07 -20.49 17.52
CA ARG C 37 15.06 -20.17 18.48
C ARG C 37 13.82 -19.58 17.79
N GLY C 38 12.76 -19.41 18.56
CA GLY C 38 11.57 -18.63 18.18
C GLY C 38 11.01 -19.02 16.84
N ILE C 39 10.75 -17.99 16.02
CA ILE C 39 10.15 -18.22 14.75
C ILE C 39 10.97 -19.12 13.85
N GLY C 40 12.28 -18.89 13.76
CA GLY C 40 13.08 -19.67 12.87
C GLY C 40 13.02 -21.17 13.22
N GLN C 41 13.10 -21.46 14.52
CA GLN C 41 13.04 -22.86 15.04
C GLN C 41 11.69 -23.49 14.70
N ALA C 42 10.63 -22.71 14.85
CA ALA C 42 9.30 -23.20 14.50
C ALA C 42 9.16 -23.54 13.02
N ILE C 43 9.71 -22.64 12.17
CA ILE C 43 9.78 -22.90 10.74
C ILE C 43 10.52 -24.14 10.39
N ALA C 44 11.72 -24.33 10.94
CA ALA C 44 12.49 -25.51 10.71
C ALA C 44 11.68 -26.81 11.08
N LEU C 45 10.98 -26.75 12.18
CA LEU C 45 10.18 -27.91 12.59
C LEU C 45 8.99 -28.17 11.69
N GLU C 46 8.35 -27.11 11.26
CA GLU C 46 7.18 -27.21 10.35
C GLU C 46 7.60 -27.74 9.02
N LEU C 47 8.73 -27.27 8.46
CA LEU C 47 9.18 -27.84 7.20
C LEU C 47 9.60 -29.33 7.37
N GLY C 48 10.12 -29.66 8.53
CA GLY C 48 10.42 -31.08 8.84
C GLY C 48 9.13 -31.94 8.90
N ARG C 49 8.09 -31.41 9.54
CA ARG C 49 6.74 -32.07 9.61
C ARG C 49 6.20 -32.28 8.23
N LEU C 50 6.52 -31.37 7.33
CA LEU C 50 6.10 -31.48 5.93
C LEU C 50 6.97 -32.34 5.04
N GLY C 51 8.05 -32.88 5.59
CA GLY C 51 8.83 -33.84 4.87
C GLY C 51 10.07 -33.36 4.18
N ALA C 52 10.50 -32.11 4.49
CA ALA C 52 11.77 -31.64 3.99
C ALA C 52 12.95 -32.16 4.80
N VAL C 53 14.09 -32.18 4.12
CA VAL C 53 15.40 -32.31 4.83
C VAL C 53 15.76 -30.88 5.18
N VAL C 54 15.98 -30.60 6.47
CA VAL C 54 16.07 -29.26 6.98
C VAL C 54 17.47 -28.89 7.41
N ILE C 55 18.00 -27.84 6.76
CA ILE C 55 19.25 -27.23 7.25
C ILE C 55 18.91 -25.96 7.93
N GLY C 56 19.08 -25.90 9.24
CA GLY C 56 18.88 -24.72 10.01
C GLY C 56 20.22 -24.05 10.33
N THR C 57 20.31 -22.74 10.31
CA THR C 57 21.61 -22.08 10.55
C THR C 57 21.60 -21.18 11.75
N ALA C 58 22.77 -20.93 12.29
CA ALA C 58 22.97 -19.96 13.35
C ALA C 58 24.34 -19.34 13.06
N THR C 59 24.67 -18.27 13.75
CA THR C 59 26.00 -17.66 13.58
C THR C 59 27.11 -18.24 14.37
N SER C 60 26.80 -19.14 15.30
CA SER C 60 27.81 -19.78 16.15
C SER C 60 27.72 -21.28 16.12
N ALA C 61 28.83 -21.94 16.40
CA ALA C 61 28.89 -23.37 16.50
C ALA C 61 27.91 -23.89 17.59
N SER C 62 27.80 -23.15 18.71
CA SER C 62 26.87 -23.56 19.77
C SER C 62 25.41 -23.51 19.28
N GLY C 63 25.03 -22.47 18.55
CA GLY C 63 23.70 -22.41 17.91
C GLY C 63 23.48 -23.53 16.93
N ALA C 64 24.48 -23.83 16.11
CA ALA C 64 24.36 -24.90 15.12
C ALA C 64 24.14 -26.28 15.77
N GLU C 65 24.87 -26.52 16.85
CA GLU C 65 24.63 -27.73 17.68
C GLU C 65 23.24 -27.80 18.34
N LYS C 66 22.78 -26.71 18.93
CA LYS C 66 21.41 -26.61 19.44
C LYS C 66 20.36 -26.92 18.37
N ILE C 67 20.51 -26.37 17.14
CA ILE C 67 19.60 -26.74 16.04
C ILE C 67 19.61 -28.22 15.73
N ALA C 68 20.79 -28.81 15.64
CA ALA C 68 20.89 -30.24 15.29
C ALA C 68 20.20 -31.09 16.39
N GLU C 69 20.35 -30.70 17.64
CA GLU C 69 19.69 -31.41 18.74
C GLU C 69 18.17 -31.27 18.62
N THR C 70 17.70 -30.09 18.21
CA THR C 70 16.26 -29.88 18.06
C THR C 70 15.72 -30.72 16.94
N LEU C 71 16.43 -30.78 15.81
CA LEU C 71 15.97 -31.55 14.67
C LEU C 71 15.89 -33.04 15.09
N LYS C 72 16.96 -33.51 15.73
CA LYS C 72 17.02 -34.88 16.26
C LYS C 72 15.87 -35.24 17.19
N ALA C 73 15.66 -34.42 18.20
CA ALA C 73 14.58 -34.64 19.11
C ALA C 73 13.24 -34.72 18.44
N ASN C 74 13.07 -34.11 17.25
CA ASN C 74 11.80 -34.12 16.57
C ASN C 74 11.75 -35.06 15.37
N GLY C 75 12.78 -35.86 15.21
CA GLY C 75 12.80 -36.81 14.12
C GLY C 75 12.94 -36.22 12.76
N VAL C 76 13.57 -35.03 12.64
CA VAL C 76 13.75 -34.38 11.33
C VAL C 76 15.14 -34.65 10.78
N GLU C 77 15.23 -35.11 9.53
CA GLU C 77 16.47 -35.27 8.87
C GLU C 77 17.07 -33.93 8.49
N GLY C 78 18.38 -33.75 8.65
CA GLY C 78 19.00 -32.47 8.26
C GLY C 78 20.18 -32.15 9.13
N ALA C 79 20.39 -30.86 9.38
CA ALA C 79 21.65 -30.39 10.02
C ALA C 79 21.52 -29.01 10.55
N GLY C 80 22.37 -28.71 11.52
CA GLY C 80 22.54 -27.37 12.03
C GLY C 80 23.89 -26.90 11.54
N LEU C 81 23.93 -25.74 10.85
CA LEU C 81 25.21 -25.23 10.26
C LEU C 81 25.45 -23.77 10.66
N VAL C 82 26.71 -23.35 10.67
CA VAL C 82 27.04 -21.99 10.88
C VAL C 82 26.97 -21.21 9.53
N LEU C 83 26.29 -20.10 9.52
CA LEU C 83 26.18 -19.24 8.34
C LEU C 83 26.05 -17.80 8.79
N ASP C 84 26.82 -16.93 8.18
CA ASP C 84 26.68 -15.52 8.37
C ASP C 84 26.24 -14.85 7.07
N VAL C 85 24.96 -14.47 7.01
CA VAL C 85 24.36 -13.94 5.77
C VAL C 85 24.89 -12.58 5.39
N SER C 86 25.62 -11.94 6.31
CA SER C 86 26.27 -10.67 6.00
C SER C 86 27.57 -10.83 5.24
N SER C 87 28.07 -12.06 5.07
CA SER C 87 29.35 -12.34 4.45
C SER C 87 29.30 -13.09 3.16
N ASP C 88 29.87 -12.53 2.08
CA ASP C 88 29.85 -13.26 0.80
C ASP C 88 30.59 -14.56 0.93
N GLU C 89 31.70 -14.55 1.68
CA GLU C 89 32.52 -15.71 1.82
C GLU C 89 31.75 -16.81 2.56
N SER C 90 31.08 -16.45 3.63
CA SER C 90 30.30 -17.43 4.40
C SER C 90 29.14 -18.05 3.57
N VAL C 91 28.41 -17.21 2.89
CA VAL C 91 27.34 -17.68 2.04
C VAL C 91 27.85 -18.62 0.98
N ALA C 92 28.91 -18.22 0.24
CA ALA C 92 29.42 -19.08 -0.82
C ALA C 92 29.92 -20.43 -0.33
N ALA C 93 30.72 -20.37 0.72
CA ALA C 93 31.35 -21.56 1.26
C ALA C 93 30.33 -22.48 1.84
N THR C 94 29.38 -21.91 2.57
CA THR C 94 28.35 -22.72 3.21
C THR C 94 27.39 -23.38 2.20
N LEU C 95 26.96 -22.64 1.19
CA LEU C 95 26.12 -23.23 0.16
C LEU C 95 26.83 -24.37 -0.55
N GLU C 96 28.12 -24.19 -0.78
CA GLU C 96 28.84 -25.24 -1.49
C GLU C 96 28.90 -26.48 -0.63
N HIS C 97 29.16 -26.30 0.65
CA HIS C 97 29.11 -27.37 1.60
C HIS C 97 27.77 -28.11 1.65
N ILE C 98 26.66 -27.40 1.64
CA ILE C 98 25.37 -27.97 1.60
C ILE C 98 25.20 -28.82 0.30
N GLN C 99 25.59 -28.27 -0.82
CA GLN C 99 25.38 -28.92 -2.08
C GLN C 99 26.15 -30.23 -2.08
N GLN C 100 27.34 -30.23 -1.53
CA GLN C 100 28.18 -31.43 -1.54
C GLN C 100 27.67 -32.51 -0.63
N HIS C 101 27.08 -32.14 0.52
CA HIS C 101 26.73 -33.11 1.54
C HIS C 101 25.26 -33.43 1.63
N LEU C 102 24.37 -32.47 1.32
CA LEU C 102 22.93 -32.74 1.45
C LEU C 102 22.12 -32.51 0.20
N GLY C 103 22.56 -31.65 -0.70
CA GLY C 103 21.85 -31.42 -1.93
C GLY C 103 21.48 -29.95 -2.01
N GLN C 104 20.91 -29.57 -3.14
CA GLN C 104 20.64 -28.22 -3.51
C GLN C 104 19.41 -27.67 -2.76
N PRO C 105 19.53 -26.59 -2.00
CA PRO C 105 18.33 -26.15 -1.29
C PRO C 105 17.34 -25.56 -2.24
N LEU C 106 16.16 -26.09 -2.32
CA LEU C 106 15.14 -25.54 -3.22
C LEU C 106 14.04 -24.77 -2.46
N ILE C 107 14.03 -24.85 -1.15
CA ILE C 107 13.21 -23.99 -0.24
C ILE C 107 14.18 -23.22 0.62
N VAL C 108 14.11 -21.89 0.57
CA VAL C 108 15.02 -21.05 1.38
C VAL C 108 14.23 -20.03 2.12
N VAL C 109 14.32 -20.08 3.42
CA VAL C 109 13.62 -19.21 4.33
C VAL C 109 14.63 -18.30 4.95
N ASN C 110 14.51 -17.03 4.62
CA ASN C 110 15.39 -15.95 5.18
C ASN C 110 14.80 -15.38 6.45
N ASN C 111 15.32 -15.79 7.58
CA ASN C 111 14.89 -15.34 8.90
C ASN C 111 16.01 -14.71 9.69
N ALA C 112 17.25 -14.83 9.23
CA ALA C 112 18.40 -14.16 9.90
C ALA C 112 18.32 -12.67 9.62
N GLY C 113 18.77 -11.81 10.52
CA GLY C 113 18.57 -10.37 10.28
C GLY C 113 19.07 -9.58 11.48
N ILE C 114 19.79 -8.50 11.25
CA ILE C 114 20.21 -7.69 12.42
C ILE C 114 19.11 -6.73 12.97
N THR C 115 19.41 -6.12 14.13
CA THR C 115 18.56 -5.11 14.83
C THR C 115 19.44 -3.90 15.23
N ASP C 126 16.81 6.54 14.33
CA ASP C 126 18.15 6.78 13.74
C ASP C 126 18.82 5.47 13.19
N GLU C 127 18.33 4.33 13.67
CA GLU C 127 18.91 3.02 13.31
C GLU C 127 18.35 2.59 11.96
N TRP C 128 17.21 3.15 11.55
CA TRP C 128 16.36 2.48 10.64
C TRP C 128 17.06 2.23 9.32
N PHE C 129 17.84 3.20 8.85
CA PHE C 129 18.37 3.10 7.45
C PHE C 129 19.39 1.94 7.38
N ASP C 130 20.34 1.98 8.30
CA ASP C 130 21.43 0.96 8.36
C ASP C 130 20.89 -0.43 8.61
N VAL C 131 19.88 -0.59 9.44
CA VAL C 131 19.20 -1.88 9.62
C VAL C 131 18.50 -2.42 8.36
N VAL C 132 17.63 -1.60 7.73
CA VAL C 132 16.98 -2.03 6.55
C VAL C 132 17.96 -2.30 5.42
N ASN C 133 18.92 -1.41 5.25
CA ASN C 133 19.92 -1.56 4.17
C ASN C 133 20.69 -2.88 4.32
N THR C 134 21.16 -3.12 5.54
CA THR C 134 21.96 -4.32 5.84
C THR C 134 21.10 -5.54 5.58
N ASN C 135 19.89 -5.53 6.09
CA ASN C 135 18.99 -6.64 5.94
C ASN C 135 18.59 -6.96 4.49
N LEU C 136 18.28 -5.94 3.70
CA LEU C 136 17.96 -6.19 2.30
C LEU C 136 19.14 -6.62 1.50
N ASN C 137 20.31 -6.11 1.84
CA ASN C 137 21.52 -6.56 1.16
C ASN C 137 21.78 -8.02 1.45
N SER C 138 21.55 -8.45 2.67
CA SER C 138 21.65 -9.89 3.04
C SER C 138 20.67 -10.77 2.36
N LEU C 139 19.42 -10.32 2.26
CA LEU C 139 18.41 -11.11 1.57
C LEU C 139 18.82 -11.28 0.14
N TYR C 140 19.34 -10.22 -0.46
CA TYR C 140 19.72 -10.28 -1.87
C TYR C 140 20.91 -11.21 -2.10
N ARG C 141 21.89 -11.12 -1.21
CA ARG C 141 23.11 -11.97 -1.29
C ARG C 141 22.70 -13.42 -1.24
N LEU C 142 21.91 -13.82 -0.24
CA LEU C 142 21.57 -15.22 -0.13
C LEU C 142 20.65 -15.67 -1.25
N SER C 143 19.66 -14.83 -1.60
CA SER C 143 18.76 -15.20 -2.63
C SER C 143 19.45 -15.43 -3.96
N LYS C 144 20.36 -14.54 -4.33
CA LYS C 144 21.05 -14.70 -5.58
C LYS C 144 21.90 -15.98 -5.60
N ALA C 145 22.48 -16.32 -4.46
CA ALA C 145 23.29 -17.48 -4.37
C ALA C 145 22.48 -18.77 -4.57
N VAL C 146 21.25 -18.86 -4.07
CA VAL C 146 20.49 -20.11 -4.19
C VAL C 146 19.78 -20.20 -5.50
N LEU C 147 19.68 -19.10 -6.23
CA LEU C 147 18.96 -19.14 -7.48
C LEU C 147 19.49 -20.06 -8.59
N ARG C 148 20.81 -20.29 -8.70
CA ARG C 148 21.33 -21.20 -9.73
C ARG C 148 20.74 -22.56 -9.58
N GLY C 149 20.70 -23.07 -8.36
CA GLY C 149 20.17 -24.39 -8.13
C GLY C 149 18.69 -24.54 -8.37
N MET C 150 17.96 -23.51 -7.96
CA MET C 150 16.55 -23.46 -8.27
C MET C 150 16.28 -23.33 -9.78
N THR C 151 17.07 -22.54 -10.46
CA THR C 151 16.91 -22.36 -11.91
C THR C 151 17.13 -23.70 -12.61
N LYS C 152 18.17 -24.43 -12.21
CA LYS C 152 18.44 -25.76 -12.76
C LYS C 152 17.33 -26.71 -12.50
N ALA C 153 16.72 -26.66 -11.31
CA ALA C 153 15.58 -27.51 -10.99
C ALA C 153 14.26 -27.05 -11.60
N ARG C 154 14.22 -25.83 -12.09
CA ARG C 154 12.97 -25.17 -12.55
C ARG C 154 11.88 -25.22 -11.51
N TRP C 155 12.28 -24.98 -10.24
CA TRP C 155 11.38 -24.97 -9.13
C TRP C 155 12.11 -24.31 -7.97
N GLY C 156 11.43 -23.43 -7.23
CA GLY C 156 12.01 -22.94 -6.00
C GLY C 156 11.02 -22.17 -5.17
N ARG C 157 11.33 -22.05 -3.91
CA ARG C 157 10.55 -21.25 -2.96
C ARG C 157 11.51 -20.40 -2.15
N ILE C 158 11.37 -19.06 -2.27
CA ILE C 158 12.10 -18.18 -1.38
C ILE C 158 11.05 -17.49 -0.50
N ILE C 159 11.22 -17.61 0.82
CA ILE C 159 10.32 -17.00 1.74
C ILE C 159 11.10 -16.09 2.66
N ASN C 160 10.70 -14.83 2.73
CA ASN C 160 11.35 -13.84 3.54
C ASN C 160 10.55 -13.50 4.81
N ILE C 161 11.16 -13.58 6.00
CA ILE C 161 10.44 -13.32 7.22
C ILE C 161 10.73 -11.93 7.69
N GLY C 162 9.68 -11.16 7.93
CA GLY C 162 9.79 -9.80 8.37
C GLY C 162 10.09 -9.76 9.83
N SER C 163 10.42 -8.58 10.30
CA SER C 163 10.71 -8.40 11.70
C SER C 163 9.41 -8.23 12.49
N VAL C 164 9.38 -8.79 13.67
CA VAL C 164 8.26 -8.63 14.53
C VAL C 164 8.26 -7.20 14.98
N VAL C 165 7.15 -6.74 15.54
CA VAL C 165 7.23 -5.44 16.19
C VAL C 165 8.21 -5.50 17.38
N GLY C 166 9.27 -4.69 17.35
CA GLY C 166 10.44 -4.87 18.23
C GLY C 166 10.42 -4.00 19.46
N ALA C 167 9.58 -2.96 19.43
CA ALA C 167 9.49 -1.98 20.51
C ALA C 167 8.20 -1.19 20.35
N MET C 168 7.71 -0.69 21.47
CA MET C 168 6.36 -0.12 21.53
C MET C 168 6.22 1.35 21.02
N GLY C 169 7.27 2.16 21.15
CA GLY C 169 7.24 3.62 20.91
C GLY C 169 7.51 4.06 19.48
N ASN C 170 7.83 5.35 19.28
CA ASN C 170 7.95 5.92 17.93
C ASN C 170 9.13 5.40 17.11
N ALA C 171 10.33 5.32 17.71
CA ALA C 171 11.47 4.72 17.02
C ALA C 171 11.16 3.28 16.56
N GLY C 172 10.50 2.52 17.43
CA GLY C 172 10.05 1.17 17.12
C GLY C 172 9.11 1.16 15.93
N GLN C 173 8.19 2.11 15.89
CA GLN C 173 7.16 2.18 14.86
C GLN C 173 7.84 2.53 13.54
N THR C 174 8.73 3.50 13.59
CA THR C 174 9.49 3.93 12.40
C THR C 174 10.31 2.76 11.81
N ASN C 175 11.05 2.07 12.67
CA ASN C 175 11.74 0.88 12.23
C ASN C 175 10.91 -0.18 11.66
N TYR C 176 9.83 -0.54 12.37
CA TYR C 176 8.96 -1.63 11.96
C TYR C 176 8.35 -1.30 10.58
N ALA C 177 7.90 -0.06 10.41
CA ALA C 177 7.24 0.31 9.19
C ALA C 177 8.22 0.36 8.04
N ALA C 178 9.41 0.87 8.27
CA ALA C 178 10.47 1.00 7.24
C ALA C 178 10.96 -0.38 6.78
N ALA C 179 11.10 -1.29 7.75
CA ALA C 179 11.48 -2.65 7.41
C ALA C 179 10.42 -3.31 6.59
N LYS C 180 9.16 -3.12 6.99
CA LYS C 180 8.09 -3.80 6.34
C LYS C 180 7.93 -3.28 4.91
N ALA C 181 8.09 -1.98 4.77
CA ALA C 181 7.99 -1.37 3.41
C ALA C 181 9.12 -1.83 2.49
N GLY C 182 10.31 -1.88 3.02
CA GLY C 182 11.44 -2.45 2.30
C GLY C 182 11.24 -3.90 1.87
N LEU C 183 10.82 -4.72 2.82
CA LEU C 183 10.56 -6.15 2.56
C LEU C 183 9.47 -6.39 1.54
N GLU C 184 8.40 -5.62 1.60
CA GLU C 184 7.32 -5.79 0.65
CA GLU C 184 7.29 -5.78 0.66
C GLU C 184 7.75 -5.44 -0.76
N GLY C 185 8.47 -4.32 -0.88
CA GLY C 185 8.88 -3.92 -2.23
C GLY C 185 9.94 -4.81 -2.82
N PHE C 186 10.90 -5.18 -1.97
CA PHE C 186 11.96 -6.08 -2.33
C PHE C 186 11.39 -7.41 -2.87
N THR C 187 10.45 -7.98 -2.09
CA THR C 187 9.85 -9.27 -2.42
C THR C 187 9.16 -9.21 -3.76
N ARG C 188 8.39 -8.15 -3.97
CA ARG C 188 7.66 -8.02 -5.21
C ARG C 188 8.66 -7.94 -6.38
N ALA C 189 9.72 -7.13 -6.20
CA ALA C 189 10.70 -6.94 -7.28
C ALA C 189 11.49 -8.21 -7.60
N LEU C 190 11.93 -8.94 -6.57
CA LEU C 190 12.65 -10.21 -6.79
C LEU C 190 11.73 -11.29 -7.40
N ALA C 191 10.45 -11.31 -7.01
CA ALA C 191 9.50 -12.19 -7.66
C ALA C 191 9.39 -11.92 -9.13
N ARG C 192 9.34 -10.66 -9.53
CA ARG C 192 9.27 -10.28 -10.96
C ARG C 192 10.45 -10.75 -11.71
N GLU C 193 11.61 -10.57 -11.07
CA GLU C 193 12.88 -10.95 -11.66
C GLU C 193 13.02 -12.44 -11.92
N VAL C 194 12.59 -13.29 -10.99
CA VAL C 194 12.83 -14.76 -11.05
C VAL C 194 11.64 -15.67 -11.38
N GLY C 195 10.48 -15.05 -11.60
CA GLY C 195 9.28 -15.79 -11.95
C GLY C 195 9.33 -16.68 -13.19
N SER C 196 9.96 -16.26 -14.27
CA SER C 196 9.90 -17.12 -15.49
C SER C 196 10.45 -18.54 -15.27
N ARG C 197 11.20 -18.70 -14.17
CA ARG C 197 11.77 -19.99 -13.74
C ARG C 197 11.00 -20.84 -12.77
N ALA C 198 9.75 -20.45 -12.52
CA ALA C 198 8.90 -21.18 -11.59
C ALA C 198 9.46 -21.20 -10.20
N ILE C 199 10.21 -20.14 -9.90
CA ILE C 199 10.58 -19.83 -8.53
C ILE C 199 9.62 -18.77 -7.98
N THR C 200 9.00 -19.06 -6.82
CA THR C 200 8.22 -18.02 -6.14
C THR C 200 9.00 -17.35 -5.02
N VAL C 201 8.68 -16.09 -4.78
CA VAL C 201 9.29 -15.29 -3.79
C VAL C 201 8.20 -14.57 -3.03
N ASN C 202 8.08 -14.85 -1.75
CA ASN C 202 7.04 -14.31 -0.92
C ASN C 202 7.59 -13.89 0.43
N ALA C 203 6.83 -13.14 1.19
CA ALA C 203 7.20 -12.69 2.51
C ALA C 203 6.09 -12.96 3.49
N VAL C 204 6.48 -13.10 4.74
CA VAL C 204 5.55 -13.21 5.86
C VAL C 204 5.89 -12.13 6.85
N ALA C 205 4.92 -11.30 7.19
CA ALA C 205 5.12 -10.15 8.05
C ALA C 205 4.46 -10.34 9.37
N PRO C 206 5.19 -10.81 10.35
CA PRO C 206 4.58 -11.01 11.69
C PRO C 206 4.23 -9.71 12.38
N GLY C 207 3.26 -9.82 13.29
CA GLY C 207 2.90 -8.75 14.17
C GLY C 207 3.58 -8.98 15.51
N PHE C 208 2.82 -9.04 16.59
CA PHE C 208 3.35 -9.31 17.91
C PHE C 208 3.32 -10.75 18.19
N ILE C 209 4.50 -11.35 18.40
CA ILE C 209 4.56 -12.79 18.58
C ILE C 209 5.07 -13.09 19.98
N ASP C 210 4.52 -14.14 20.56
CA ASP C 210 4.78 -14.54 21.94
C ASP C 210 6.19 -15.10 22.01
N THR C 211 7.04 -14.38 22.70
CA THR C 211 8.42 -14.78 22.75
C THR C 211 8.80 -14.59 24.20
N ASP C 212 10.08 -14.71 24.47
CA ASP C 212 10.63 -14.44 25.81
C ASP C 212 10.50 -12.96 26.20
N MET C 213 10.66 -12.05 25.25
CA MET C 213 10.54 -10.61 25.54
C MET C 213 9.11 -10.24 26.01
N THR C 214 8.10 -10.76 25.29
CA THR C 214 6.73 -10.33 25.53
C THR C 214 6.10 -10.99 26.79
N ARG C 215 6.50 -12.22 27.11
CA ARG C 215 6.07 -12.89 28.35
C ARG C 215 6.45 -12.09 29.60
N GLU C 216 7.61 -11.43 29.56
CA GLU C 216 8.15 -10.68 30.72
C GLU C 216 7.66 -9.21 30.77
N LEU C 217 6.69 -8.83 29.95
CA LEU C 217 6.08 -7.52 30.15
C LEU C 217 5.21 -7.45 31.43
N PRO C 218 5.29 -6.34 32.18
CA PRO C 218 4.28 -6.05 33.24
C PRO C 218 2.85 -6.11 32.69
N GLU C 219 1.90 -6.62 33.49
CA GLU C 219 0.51 -6.85 33.05
C GLU C 219 -0.17 -5.61 32.45
N ALA C 220 0.04 -4.42 33.03
CA ALA C 220 -0.53 -3.17 32.46
C ALA C 220 -0.04 -2.90 31.04
N GLN C 221 1.24 -3.17 30.81
CA GLN C 221 1.83 -2.98 29.51
C GLN C 221 1.40 -4.06 28.47
N ARG C 222 1.32 -5.34 28.90
CA ARG C 222 0.74 -6.41 28.08
C ARG C 222 -0.71 -6.11 27.70
N GLU C 223 -1.50 -5.60 28.64
CA GLU C 223 -2.89 -5.25 28.39
C GLU C 223 -3.07 -4.17 27.32
N ALA C 224 -2.27 -3.12 27.43
CA ALA C 224 -2.27 -2.06 26.45
C ALA C 224 -1.90 -2.56 25.05
N LEU C 225 -0.92 -3.46 25.00
CA LEU C 225 -0.49 -4.09 23.76
C LEU C 225 -1.61 -4.94 23.13
N LEU C 226 -2.21 -5.78 23.96
CA LEU C 226 -3.27 -6.64 23.47
C LEU C 226 -4.45 -5.84 22.96
N GLY C 227 -4.66 -4.66 23.54
CA GLY C 227 -5.71 -3.77 23.06
C GLY C 227 -5.53 -3.27 21.63
N GLN C 228 -4.34 -3.35 21.08
CA GLN C 228 -4.11 -2.89 19.74
C GLN C 228 -4.32 -4.05 18.73
N ILE C 229 -4.60 -5.24 19.25
CA ILE C 229 -4.69 -6.43 18.39
C ILE C 229 -6.15 -6.95 18.43
N PRO C 230 -6.89 -6.90 17.29
CA PRO C 230 -8.28 -7.43 17.21
C PRO C 230 -8.46 -8.84 17.77
N LEU C 231 -7.55 -9.76 17.47
CA LEU C 231 -7.67 -11.10 18.06
C LEU C 231 -7.45 -11.15 19.57
N GLY C 232 -6.82 -10.13 20.14
CA GLY C 232 -6.77 -10.01 21.61
C GLY C 232 -5.73 -10.91 22.23
N ARG C 233 -4.80 -11.41 21.44
CA ARG C 233 -3.75 -12.32 21.91
C ARG C 233 -2.50 -12.12 21.06
N LEU C 234 -1.37 -12.53 21.60
CA LEU C 234 -0.12 -12.55 20.83
C LEU C 234 -0.12 -13.79 19.95
N GLY C 235 0.59 -13.74 18.82
CA GLY C 235 0.68 -14.85 17.90
C GLY C 235 1.70 -15.84 18.42
N GLN C 236 1.48 -17.09 18.06
CA GLN C 236 2.50 -18.12 18.38
C GLN C 236 3.49 -18.28 17.25
N ALA C 237 4.74 -18.64 17.59
CA ALA C 237 5.71 -18.87 16.53
C ALA C 237 5.22 -19.90 15.54
N GLU C 238 4.52 -20.92 16.01
CA GLU C 238 4.02 -21.95 15.15
C GLU C 238 3.01 -21.39 14.12
N GLU C 239 2.31 -20.33 14.49
CA GLU C 239 1.30 -19.71 13.58
C GLU C 239 2.03 -19.00 12.41
N ILE C 240 3.24 -18.50 12.60
CA ILE C 240 4.03 -18.01 11.52
C ILE C 240 4.50 -19.14 10.70
N ALA C 241 5.04 -20.20 11.36
CA ALA C 241 5.56 -21.34 10.68
C ALA C 241 4.54 -22.04 9.77
N LYS C 242 3.29 -22.10 10.19
CA LYS C 242 2.27 -22.73 9.32
C LYS C 242 2.10 -21.99 8.01
N VAL C 243 2.15 -20.68 8.08
CA VAL C 243 2.01 -19.84 6.85
C VAL C 243 3.20 -20.07 5.91
N VAL C 244 4.40 -20.10 6.50
CA VAL C 244 5.59 -20.47 5.74
C VAL C 244 5.51 -21.79 5.06
N GLY C 245 5.01 -22.79 5.76
CA GLY C 245 4.81 -24.10 5.26
C GLY C 245 3.90 -24.12 4.08
N PHE C 246 2.79 -23.40 4.19
CA PHE C 246 1.86 -23.30 3.08
C PHE C 246 2.55 -22.72 1.84
N LEU C 247 3.27 -21.63 2.03
CA LEU C 247 3.89 -20.92 0.93
C LEU C 247 4.92 -21.81 0.26
N ALA C 248 5.55 -22.68 1.04
CA ALA C 248 6.51 -23.67 0.51
C ALA C 248 5.94 -24.81 -0.30
N SER C 249 4.62 -24.98 -0.24
CA SER C 249 3.89 -26.09 -0.80
C SER C 249 3.57 -25.89 -2.27
N ASP C 250 3.18 -26.97 -2.94
CA ASP C 250 2.76 -26.89 -4.36
C ASP C 250 1.45 -26.12 -4.52
N GLY C 251 0.64 -26.13 -3.48
CA GLY C 251 -0.64 -25.38 -3.51
C GLY C 251 -0.50 -23.87 -3.57
N ALA C 252 0.67 -23.36 -3.20
CA ALA C 252 0.91 -21.94 -3.28
C ALA C 252 1.68 -21.56 -4.54
N ALA C 253 1.68 -22.42 -5.55
CA ALA C 253 2.53 -22.21 -6.71
C ALA C 253 2.19 -20.94 -7.47
N TYR C 254 0.94 -20.48 -7.37
CA TYR C 254 0.58 -19.24 -8.09
C TYR C 254 0.72 -17.97 -7.24
N VAL C 255 1.17 -18.12 -5.98
CA VAL C 255 1.36 -16.99 -5.09
C VAL C 255 2.82 -16.57 -5.21
N THR C 256 3.04 -15.39 -5.73
CA THR C 256 4.42 -14.86 -5.79
C THR C 256 4.39 -13.35 -5.71
N GLY C 257 5.43 -12.80 -5.10
CA GLY C 257 5.56 -11.37 -4.86
C GLY C 257 4.72 -10.85 -3.72
N ALA C 258 4.11 -11.76 -2.95
CA ALA C 258 3.17 -11.41 -1.94
C ALA C 258 3.83 -11.28 -0.57
N THR C 259 3.32 -10.37 0.24
CA THR C 259 3.65 -10.31 1.66
C THR C 259 2.38 -10.67 2.43
N VAL C 260 2.42 -11.75 3.22
CA VAL C 260 1.28 -12.20 3.97
C VAL C 260 1.43 -11.68 5.39
N PRO C 261 0.56 -10.80 5.84
CA PRO C 261 0.61 -10.33 7.21
C PRO C 261 0.03 -11.34 8.15
N VAL C 262 0.74 -11.62 9.25
CA VAL C 262 0.30 -12.59 10.24
C VAL C 262 0.34 -11.89 11.56
N ASN C 263 -0.70 -11.14 11.85
CA ASN C 263 -0.64 -10.10 12.91
C ASN C 263 -1.87 -9.91 13.77
N GLY C 264 -2.83 -10.84 13.61
CA GLY C 264 -4.01 -10.83 14.41
C GLY C 264 -4.88 -9.61 14.18
N GLY C 265 -4.72 -8.94 13.04
CA GLY C 265 -5.48 -7.77 12.68
C GLY C 265 -4.88 -6.42 13.10
N MET C 266 -3.67 -6.44 13.59
CA MET C 266 -2.96 -5.25 14.13
C MET C 266 -2.12 -4.79 12.94
N TYR C 267 -2.60 -3.76 12.22
CA TYR C 267 -1.88 -3.25 10.99
C TYR C 267 -1.24 -1.88 11.31
N MET C 268 0.08 -1.87 11.37
CA MET C 268 0.81 -0.64 11.70
C MET C 268 1.56 -0.27 10.44
N SER C 269 1.50 0.98 10.03
CA SER C 269 2.39 1.48 8.98
C SER C 269 2.81 2.92 9.28
N PHE D 20 6.35 38.45 4.59
CA PHE D 20 5.31 37.38 4.89
C PHE D 20 4.22 37.18 3.78
N GLN D 21 4.47 36.22 2.89
CA GLN D 21 3.61 36.01 1.78
C GLN D 21 3.48 34.51 1.50
N SER D 22 2.29 34.08 1.11
CA SER D 22 2.10 32.69 0.70
C SER D 22 3.04 32.41 -0.45
N MET D 23 3.53 31.18 -0.46
CA MET D 23 4.38 30.63 -1.53
C MET D 23 5.79 31.19 -1.61
N SER D 24 6.11 32.26 -0.89
CA SER D 24 7.39 32.88 -1.15
C SER D 24 8.51 32.17 -0.40
N LEU D 25 9.61 32.03 -1.13
CA LEU D 25 10.82 31.45 -0.58
C LEU D 25 11.91 32.49 -0.39
N GLN D 26 11.56 33.77 -0.35
CA GLN D 26 12.59 34.78 -0.11
C GLN D 26 13.30 34.61 1.17
N GLY D 27 14.60 34.74 1.14
CA GLY D 27 15.44 34.51 2.32
C GLY D 27 15.90 33.09 2.51
N LYS D 28 15.42 32.18 1.66
CA LYS D 28 15.80 30.78 1.79
C LYS D 28 16.86 30.45 0.73
N VAL D 29 17.77 29.55 1.10
CA VAL D 29 18.72 29.00 0.19
C VAL D 29 18.31 27.55 -0.11
N ALA D 30 18.16 27.26 -1.37
CA ALA D 30 17.76 25.92 -1.89
C ALA D 30 18.89 25.27 -2.63
N LEU D 31 19.16 24.01 -2.32
CA LEU D 31 20.06 23.18 -3.06
C LEU D 31 19.26 22.19 -3.88
N VAL D 32 19.46 22.17 -5.17
CA VAL D 32 18.80 21.24 -6.06
C VAL D 32 19.83 20.38 -6.75
N THR D 33 19.84 19.08 -6.45
CA THR D 33 20.87 18.16 -7.05
C THR D 33 20.34 17.72 -8.41
N GLY D 34 21.25 17.51 -9.37
CA GLY D 34 20.88 17.15 -10.69
C GLY D 34 20.05 18.18 -11.46
N ALA D 35 20.50 19.44 -11.43
CA ALA D 35 19.77 20.61 -11.96
C ALA D 35 20.09 21.03 -13.41
N SER D 36 20.89 20.26 -14.14
CA SER D 36 21.36 20.76 -15.43
C SER D 36 20.38 20.59 -16.60
N ARG D 37 19.39 19.75 -16.45
CA ARG D 37 18.41 19.55 -17.50
C ARG D 37 17.09 19.06 -16.88
N GLY D 38 16.08 18.97 -17.74
CA GLY D 38 14.80 18.31 -17.49
C GLY D 38 14.17 18.74 -16.20
N ILE D 39 13.77 17.75 -15.42
CA ILE D 39 13.04 17.99 -14.18
C ILE D 39 13.85 18.84 -13.24
N GLY D 40 15.11 18.49 -13.04
CA GLY D 40 15.89 19.26 -12.09
C GLY D 40 16.05 20.75 -12.41
N GLN D 41 16.30 21.04 -13.68
CA GLN D 41 16.38 22.41 -14.18
C GLN D 41 15.08 23.12 -13.94
N ALA D 42 13.98 22.45 -14.20
CA ALA D 42 12.65 23.07 -14.01
C ALA D 42 12.40 23.41 -12.55
N ILE D 43 12.82 22.48 -11.67
CA ILE D 43 12.76 22.73 -10.23
C ILE D 43 13.58 23.91 -9.77
N ALA D 44 14.80 23.99 -10.29
CA ALA D 44 15.71 25.11 -9.94
C ALA D 44 15.07 26.45 -10.35
N LEU D 45 14.49 26.49 -11.54
CA LEU D 45 13.85 27.70 -11.98
C LEU D 45 12.56 28.05 -11.24
N GLU D 46 11.77 27.05 -10.90
CA GLU D 46 10.59 27.28 -10.07
C GLU D 46 10.91 27.79 -8.69
N LEU D 47 11.86 27.18 -7.98
CA LEU D 47 12.27 27.73 -6.68
C LEU D 47 12.84 29.14 -6.80
N GLY D 48 13.56 29.41 -7.88
CA GLY D 48 14.07 30.75 -8.13
C GLY D 48 12.96 31.76 -8.31
N ARG D 49 11.97 31.39 -9.09
CA ARG D 49 10.79 32.24 -9.36
C ARG D 49 10.13 32.59 -8.06
N LEU D 50 10.09 31.66 -7.12
CA LEU D 50 9.51 31.88 -5.82
C LEU D 50 10.35 32.68 -4.85
N GLY D 51 11.55 33.00 -5.24
CA GLY D 51 12.41 33.90 -4.49
C GLY D 51 13.58 33.28 -3.81
N ALA D 52 13.79 31.97 -3.97
CA ALA D 52 14.94 31.37 -3.29
C ALA D 52 16.23 31.75 -4.01
N VAL D 53 17.34 31.69 -3.25
CA VAL D 53 18.65 31.65 -3.82
C VAL D 53 18.88 30.15 -4.10
N VAL D 54 19.21 29.82 -5.34
CA VAL D 54 19.26 28.46 -5.82
C VAL D 54 20.67 28.00 -6.17
N ILE D 55 21.09 26.96 -5.48
CA ILE D 55 22.32 26.26 -5.85
C ILE D 55 21.90 24.98 -6.57
N GLY D 56 22.19 24.92 -7.86
CA GLY D 56 21.97 23.75 -8.62
C GLY D 56 23.28 22.95 -8.80
N THR D 57 23.19 21.63 -8.84
CA THR D 57 24.43 20.83 -9.02
C THR D 57 24.37 19.85 -10.17
N ALA D 58 25.56 19.49 -10.65
CA ALA D 58 25.75 18.49 -11.69
C ALA D 58 26.99 17.75 -11.31
N THR D 59 27.19 16.61 -11.95
CA THR D 59 28.40 15.81 -11.72
C THR D 59 29.62 16.29 -12.52
N SER D 60 29.42 17.19 -13.44
CA SER D 60 30.53 17.73 -14.25
C SER D 60 30.64 19.25 -14.19
N ALA D 61 31.83 19.75 -14.48
CA ALA D 61 32.05 21.20 -14.58
C ALA D 61 31.14 21.78 -15.69
N SER D 62 31.00 21.06 -16.80
CA SER D 62 30.15 21.50 -17.91
CA SER D 62 30.17 21.59 -17.89
C SER D 62 28.71 21.70 -17.48
N GLY D 63 28.19 20.71 -16.76
CA GLY D 63 26.83 20.79 -16.23
C GLY D 63 26.68 21.90 -15.22
N ALA D 64 27.68 22.13 -14.38
CA ALA D 64 27.63 23.22 -13.42
C ALA D 64 27.61 24.61 -14.09
N GLU D 65 28.39 24.74 -15.15
CA GLU D 65 28.38 25.98 -15.96
C GLU D 65 27.04 26.22 -16.61
N LYS D 66 26.43 25.19 -17.21
CA LYS D 66 25.08 25.29 -17.80
C LYS D 66 24.08 25.74 -16.78
N ILE D 67 24.13 25.19 -15.60
CA ILE D 67 23.25 25.65 -14.51
C ILE D 67 23.45 27.11 -14.20
N ALA D 68 24.70 27.54 -14.01
CA ALA D 68 24.96 28.93 -13.62
C ALA D 68 24.47 29.89 -14.73
N GLU D 69 24.62 29.50 -15.98
CA GLU D 69 24.13 30.32 -17.11
C GLU D 69 22.61 30.36 -17.15
N THR D 70 21.97 29.22 -16.86
CA THR D 70 20.50 29.14 -16.86
C THR D 70 19.93 30.00 -15.75
N LEU D 71 20.53 29.98 -14.57
CA LEU D 71 20.06 30.78 -13.47
C LEU D 71 20.17 32.28 -13.81
N LYS D 72 21.36 32.67 -14.24
CA LYS D 72 21.60 34.06 -14.70
C LYS D 72 20.59 34.50 -15.75
N ALA D 73 20.37 33.69 -16.76
CA ALA D 73 19.49 34.08 -17.83
C ALA D 73 18.07 34.33 -17.34
N ASN D 74 17.68 33.66 -16.25
CA ASN D 74 16.34 33.74 -15.72
C ASN D 74 16.22 34.68 -14.54
N GLY D 75 17.30 35.37 -14.20
CA GLY D 75 17.28 36.30 -13.10
C GLY D 75 17.20 35.66 -11.73
N VAL D 76 17.76 34.46 -11.60
CA VAL D 76 17.81 33.81 -10.30
C VAL D 76 19.21 33.91 -9.70
N GLU D 77 19.34 34.36 -8.47
CA GLU D 77 20.57 34.42 -7.74
C GLU D 77 20.91 33.00 -7.30
N GLY D 78 22.21 32.72 -7.24
CA GLY D 78 22.66 31.40 -6.85
C GLY D 78 23.92 30.96 -7.59
N ALA D 79 24.06 29.66 -7.84
CA ALA D 79 25.33 29.12 -8.38
C ALA D 79 25.08 27.74 -8.96
N GLY D 80 26.00 27.30 -9.84
CA GLY D 80 26.03 25.92 -10.34
C GLY D 80 27.29 25.29 -9.76
N LEU D 81 27.15 24.18 -9.04
CA LEU D 81 28.26 23.50 -8.37
C LEU D 81 28.36 22.08 -8.82
N VAL D 82 29.58 21.51 -8.71
CA VAL D 82 29.82 20.13 -9.05
C VAL D 82 29.70 19.30 -7.77
N LEU D 83 28.80 18.32 -7.80
CA LEU D 83 28.54 17.50 -6.62
C LEU D 83 28.32 16.09 -7.07
N ASP D 84 29.01 15.19 -6.38
CA ASP D 84 28.82 13.74 -6.54
C ASP D 84 28.25 13.21 -5.24
N VAL D 85 26.95 12.94 -5.24
CA VAL D 85 26.26 12.49 -4.03
C VAL D 85 26.75 11.10 -3.55
N SER D 86 27.48 10.37 -4.39
CA SER D 86 28.10 9.09 -4.00
C SER D 86 29.32 9.24 -3.07
N SER D 87 29.81 10.48 -2.88
CA SER D 87 31.09 10.74 -2.20
C SER D 87 30.92 11.57 -0.93
N ASP D 88 31.35 11.04 0.21
CA ASP D 88 31.29 11.80 1.44
C ASP D 88 32.07 13.11 1.32
N GLU D 89 33.23 13.02 0.65
CA GLU D 89 34.11 14.21 0.48
C GLU D 89 33.43 15.27 -0.38
N SER D 90 32.81 14.85 -1.48
CA SER D 90 32.08 15.80 -2.35
C SER D 90 30.92 16.45 -1.61
N VAL D 91 30.17 15.67 -0.88
CA VAL D 91 29.03 16.23 -0.12
C VAL D 91 29.52 17.25 0.93
N ALA D 92 30.53 16.88 1.72
CA ALA D 92 31.07 17.81 2.73
C ALA D 92 31.61 19.10 2.10
N ALA D 93 32.36 18.96 1.03
CA ALA D 93 32.94 20.11 0.34
C ALA D 93 31.86 21.03 -0.22
N THR D 94 30.82 20.44 -0.77
CA THR D 94 29.81 21.24 -1.38
C THR D 94 29.06 22.03 -0.32
N LEU D 95 28.73 21.39 0.80
CA LEU D 95 28.06 22.09 1.87
C LEU D 95 28.92 23.18 2.48
N GLU D 96 30.22 22.93 2.57
CA GLU D 96 31.13 23.97 3.09
C GLU D 96 31.15 25.20 2.15
N HIS D 97 31.26 24.97 0.86
CA HIS D 97 31.21 26.04 -0.13
C HIS D 97 29.94 26.87 0.00
N ILE D 98 28.79 26.19 0.12
CA ILE D 98 27.55 26.89 0.13
C ILE D 98 27.45 27.72 1.42
N GLN D 99 27.88 27.15 2.53
CA GLN D 99 27.73 27.81 3.81
C GLN D 99 28.60 29.04 3.82
N GLN D 100 29.79 28.92 3.24
CA GLN D 100 30.72 30.05 3.29
C GLN D 100 30.27 31.21 2.44
N HIS D 101 29.66 30.94 1.29
CA HIS D 101 29.38 31.98 0.32
C HIS D 101 27.94 32.37 0.21
N LEU D 102 27.00 31.45 0.47
CA LEU D 102 25.60 31.78 0.30
C LEU D 102 24.75 31.59 1.54
N GLY D 103 25.15 30.73 2.47
CA GLY D 103 24.38 30.47 3.69
C GLY D 103 23.95 28.98 3.75
N GLN D 104 23.27 28.60 4.80
CA GLN D 104 22.86 27.22 5.03
C GLN D 104 21.67 26.80 4.15
N PRO D 105 21.81 25.73 3.31
CA PRO D 105 20.64 25.38 2.52
C PRO D 105 19.55 24.75 3.42
N LEU D 106 18.40 25.37 3.49
CA LEU D 106 17.27 24.86 4.29
C LEU D 106 16.20 24.20 3.47
N ILE D 107 16.30 24.31 2.16
CA ILE D 107 15.47 23.53 1.19
C ILE D 107 16.39 22.71 0.30
N VAL D 108 16.23 21.39 0.35
CA VAL D 108 17.11 20.50 -0.38
C VAL D 108 16.22 19.62 -1.19
N VAL D 109 16.46 19.62 -2.50
CA VAL D 109 15.72 18.83 -3.44
C VAL D 109 16.65 17.81 -4.07
N ASN D 110 16.36 16.54 -3.84
CA ASN D 110 17.19 15.43 -4.33
C ASN D 110 16.68 14.93 -5.68
N ASN D 111 17.39 15.25 -6.73
CA ASN D 111 17.07 14.73 -8.05
C ASN D 111 18.31 14.05 -8.74
N ALA D 112 19.36 13.66 -7.99
N ALA D 112 19.45 14.04 -8.08
CA ALA D 112 20.62 13.06 -8.56
CA ALA D 112 20.59 13.22 -8.53
C ALA D 112 20.79 11.49 -8.65
C ALA D 112 20.14 11.77 -8.44
N GLY D 113 19.74 10.80 -9.09
N GLY D 113 20.33 11.06 -9.53
CA GLY D 113 19.89 9.35 -9.36
CA GLY D 113 20.14 9.61 -9.52
C GLY D 113 20.97 9.00 -10.38
C GLY D 113 21.17 9.05 -10.46
N ILE D 114 21.64 7.85 -10.21
CA ILE D 114 22.67 7.34 -11.18
C ILE D 114 22.12 7.15 -12.59
N VAL D 121 23.01 -2.64 -24.27
CA VAL D 121 22.02 -3.64 -23.87
C VAL D 121 20.80 -2.90 -23.25
N ARG D 122 19.58 -3.27 -23.62
CA ARG D 122 18.38 -2.56 -23.08
C ARG D 122 18.07 -2.98 -21.64
N MET D 123 17.36 -2.12 -20.93
CA MET D 123 17.14 -2.36 -19.49
C MET D 123 16.52 -3.73 -19.23
N LYS D 124 17.07 -4.42 -18.24
CA LYS D 124 16.56 -5.74 -17.83
C LYS D 124 16.02 -5.69 -16.37
N ASP D 125 15.25 -6.71 -15.99
CA ASP D 125 14.56 -6.68 -14.69
C ASP D 125 15.46 -7.10 -13.54
N ASP D 126 16.78 -7.25 -13.77
CA ASP D 126 17.68 -7.52 -12.69
C ASP D 126 18.45 -6.31 -12.21
N GLU D 127 18.15 -5.12 -12.68
CA GLU D 127 18.94 -3.92 -12.40
C GLU D 127 18.42 -3.12 -11.21
N TRP D 128 17.23 -3.52 -10.71
CA TRP D 128 16.54 -2.71 -9.71
C TRP D 128 17.28 -2.66 -8.41
N PHE D 129 17.93 -3.76 -7.99
CA PHE D 129 18.56 -3.75 -6.70
C PHE D 129 19.72 -2.80 -6.59
N ASP D 130 20.65 -2.89 -7.53
CA ASP D 130 21.82 -1.98 -7.51
CA ASP D 130 21.81 -1.98 -7.50
C ASP D 130 21.43 -0.52 -7.64
N VAL D 131 20.46 -0.26 -8.48
CA VAL D 131 20.01 1.13 -8.68
C VAL D 131 19.37 1.71 -7.44
N VAL D 132 18.43 0.96 -6.84
CA VAL D 132 17.79 1.42 -5.65
C VAL D 132 18.78 1.56 -4.52
N ASN D 133 19.67 0.58 -4.36
CA ASN D 133 20.64 0.54 -3.25
C ASN D 133 21.55 1.77 -3.34
N THR D 134 22.03 2.05 -4.55
CA THR D 134 22.91 3.20 -4.78
C THR D 134 22.18 4.52 -4.55
N ASN D 135 21.02 4.65 -5.15
CA ASN D 135 20.23 5.88 -4.99
C ASN D 135 19.78 6.18 -3.55
N LEU D 136 19.33 5.16 -2.81
CA LEU D 136 18.97 5.42 -1.41
C LEU D 136 20.19 5.69 -0.54
N ASN D 137 21.28 5.00 -0.77
CA ASN D 137 22.50 5.29 -0.01
C ASN D 137 22.99 6.71 -0.19
N SER D 138 22.92 7.18 -1.43
CA SER D 138 23.31 8.55 -1.72
C SER D 138 22.34 9.55 -1.19
N LEU D 139 21.06 9.26 -1.26
CA LEU D 139 20.09 10.10 -0.64
C LEU D 139 20.25 10.23 0.88
N TYR D 140 20.54 9.11 1.53
CA TYR D 140 20.77 9.14 2.96
C TYR D 140 21.98 9.99 3.26
N ARG D 141 23.03 9.80 2.47
CA ARG D 141 24.30 10.57 2.71
C ARG D 141 24.05 12.07 2.64
N LEU D 142 23.40 12.53 1.56
CA LEU D 142 23.15 13.98 1.46
C LEU D 142 22.20 14.44 2.54
N SER D 143 21.11 13.69 2.77
CA SER D 143 20.13 14.13 3.75
C SER D 143 20.73 14.28 5.14
N LYS D 144 21.53 13.31 5.58
CA LYS D 144 22.16 13.42 6.88
C LYS D 144 23.09 14.65 6.97
N ALA D 145 23.82 14.93 5.92
CA ALA D 145 24.65 16.10 5.88
C ALA D 145 23.90 17.45 6.00
N VAL D 146 22.78 17.61 5.32
CA VAL D 146 22.07 18.88 5.35
C VAL D 146 21.18 19.01 6.56
N LEU D 147 20.91 17.91 7.23
CA LEU D 147 20.13 17.95 8.46
C LEU D 147 20.74 18.73 9.60
N ARG D 148 22.07 18.78 9.71
CA ARG D 148 22.68 19.57 10.79
C ARG D 148 22.25 21.04 10.76
N GLY D 149 22.28 21.65 9.59
CA GLY D 149 21.90 23.02 9.40
C GLY D 149 20.40 23.23 9.60
N MET D 150 19.60 22.28 9.12
CA MET D 150 18.18 22.41 9.35
C MET D 150 17.88 22.24 10.86
N THR D 151 18.55 21.30 11.49
CA THR D 151 18.35 21.03 12.93
C THR D 151 18.69 22.25 13.76
N LYS D 152 19.77 22.92 13.42
CA LYS D 152 20.13 24.18 14.03
C LYS D 152 19.11 25.26 13.83
N ALA D 153 18.59 25.40 12.61
CA ALA D 153 17.58 26.39 12.31
C ALA D 153 16.19 26.01 12.85
N ARG D 154 15.99 24.76 13.21
CA ARG D 154 14.66 24.21 13.55
C ARG D 154 13.64 24.48 12.46
N TRP D 155 14.07 24.29 11.21
CA TRP D 155 13.20 24.42 10.02
C TRP D 155 13.86 23.77 8.83
N GLY D 156 13.10 23.08 7.98
CA GLY D 156 13.66 22.56 6.75
C GLY D 156 12.66 21.98 5.82
N ARG D 157 13.08 21.82 4.56
CA ARG D 157 12.31 21.08 3.57
C ARG D 157 13.28 20.14 2.81
N ILE D 158 13.04 18.83 2.89
CA ILE D 158 13.76 17.87 2.05
C ILE D 158 12.69 17.30 1.12
N ILE D 159 12.96 17.35 -0.16
CA ILE D 159 12.04 16.90 -1.20
C ILE D 159 12.76 16.00 -2.15
N ASN D 160 12.33 14.75 -2.20
CA ASN D 160 12.98 13.71 -2.98
C ASN D 160 12.22 13.46 -4.28
N ILE D 161 12.91 13.49 -5.39
CA ILE D 161 12.25 13.26 -6.66
C ILE D 161 12.44 11.82 -7.10
N GLY D 162 11.36 11.16 -7.44
CA GLY D 162 11.45 9.81 -7.96
C GLY D 162 11.89 9.75 -9.43
N SER D 163 12.17 8.55 -9.91
CA SER D 163 12.61 8.37 -11.29
C SER D 163 11.43 8.13 -12.15
N VAL D 164 11.45 8.70 -13.36
CA VAL D 164 10.41 8.47 -14.29
C VAL D 164 10.47 7.07 -14.83
N VAL D 165 9.38 6.64 -15.45
CA VAL D 165 9.38 5.37 -16.11
C VAL D 165 10.48 5.34 -17.19
N GLY D 166 11.41 4.38 -17.12
CA GLY D 166 12.65 4.39 -17.91
C GLY D 166 12.66 3.53 -19.15
N ALA D 167 11.65 2.68 -19.27
CA ALA D 167 11.51 1.82 -20.43
C ALA D 167 10.10 1.28 -20.44
N MET D 168 9.66 0.94 -21.63
CA MET D 168 8.35 0.29 -21.82
C MET D 168 8.49 -1.17 -21.52
N GLY D 169 7.39 -1.86 -21.23
CA GLY D 169 7.51 -3.29 -20.94
C GLY D 169 7.86 -3.67 -19.51
N ASN D 170 8.14 -4.96 -19.29
CA ASN D 170 8.21 -5.49 -17.93
C ASN D 170 9.39 -5.02 -17.09
N ALA D 171 10.60 -5.01 -17.66
CA ALA D 171 11.78 -4.57 -16.92
C ALA D 171 11.57 -3.13 -16.48
N GLY D 172 11.02 -2.33 -17.39
CA GLY D 172 10.67 -0.92 -17.10
C GLY D 172 9.77 -0.82 -15.92
N GLN D 173 8.72 -1.64 -15.91
CA GLN D 173 7.78 -1.58 -14.80
C GLN D 173 8.44 -2.06 -13.49
N THR D 174 9.17 -3.17 -13.57
CA THR D 174 9.85 -3.74 -12.36
C THR D 174 10.74 -2.68 -11.71
N ASN D 175 11.59 -2.07 -12.52
CA ASN D 175 12.55 -1.10 -12.07
C ASN D 175 11.90 0.19 -11.55
N TYR D 176 10.87 0.67 -12.28
CA TYR D 176 10.15 1.86 -11.81
C TYR D 176 9.44 1.63 -10.48
N ALA D 177 8.78 0.47 -10.35
CA ALA D 177 8.06 0.16 -9.17
C ALA D 177 8.97 0.00 -7.99
N ALA D 178 10.12 -0.68 -8.19
CA ALA D 178 11.02 -0.91 -7.08
C ALA D 178 11.59 0.42 -6.57
N ALA D 179 11.92 1.30 -7.51
CA ALA D 179 12.46 2.59 -7.12
C ALA D 179 11.43 3.43 -6.38
N LYS D 180 10.21 3.43 -6.88
CA LYS D 180 9.16 4.19 -6.23
C LYS D 180 8.85 3.66 -4.83
N ALA D 181 8.78 2.34 -4.69
CA ALA D 181 8.56 1.74 -3.36
C ALA D 181 9.66 2.06 -2.38
N GLY D 182 10.91 2.01 -2.82
CA GLY D 182 12.01 2.35 -1.98
C GLY D 182 11.97 3.81 -1.53
N LEU D 183 11.74 4.68 -2.47
CA LEU D 183 11.66 6.11 -2.18
C LEU D 183 10.48 6.44 -1.22
N GLU D 184 9.33 5.83 -1.41
CA GLU D 184 8.17 6.04 -0.51
CA GLU D 184 8.18 6.08 -0.51
C GLU D 184 8.53 5.68 0.91
N GLY D 185 9.15 4.52 1.07
CA GLY D 185 9.42 4.05 2.45
C GLY D 185 10.51 4.81 3.12
N PHE D 186 11.54 5.13 2.33
CA PHE D 186 12.68 5.94 2.81
C PHE D 186 12.18 7.33 3.28
N THR D 187 11.32 7.91 2.47
CA THR D 187 10.78 9.24 2.73
C THR D 187 9.95 9.27 4.02
N ARG D 188 9.10 8.26 4.19
CA ARG D 188 8.24 8.20 5.34
C ARG D 188 9.07 7.99 6.60
N ALA D 189 10.10 7.17 6.52
CA ALA D 189 10.93 6.91 7.70
C ALA D 189 11.73 8.11 8.08
N LEU D 190 12.35 8.79 7.10
CA LEU D 190 13.15 9.93 7.44
C LEU D 190 12.25 11.06 8.01
N ALA D 191 11.08 11.25 7.45
CA ALA D 191 10.15 12.21 8.00
C ALA D 191 9.89 11.98 9.46
N ARG D 192 9.69 10.71 9.81
CA ARG D 192 9.46 10.36 11.22
C ARG D 192 10.59 10.69 12.10
N GLU D 193 11.77 10.41 11.63
CA GLU D 193 12.99 10.70 12.37
C GLU D 193 13.21 12.17 12.66
N VAL D 194 12.88 13.07 11.73
CA VAL D 194 13.25 14.46 11.83
C VAL D 194 12.10 15.47 12.14
N GLY D 195 10.89 14.96 12.17
CA GLY D 195 9.70 15.79 12.34
C GLY D 195 9.73 16.65 13.59
N SER D 196 10.30 16.21 14.71
CA SER D 196 10.19 17.02 15.91
C SER D 196 10.93 18.35 15.79
N ARG D 197 11.77 18.44 14.77
CA ARG D 197 12.58 19.63 14.48
C ARG D 197 11.95 20.54 13.45
N ALA D 198 10.71 20.27 13.08
CA ALA D 198 10.02 21.08 12.11
C ALA D 198 10.67 21.06 10.72
N ILE D 199 11.25 19.92 10.42
CA ILE D 199 11.76 19.64 9.09
C ILE D 199 10.80 18.65 8.47
N THR D 200 10.29 18.98 7.27
CA THR D 200 9.46 18.07 6.53
C THR D 200 10.27 17.35 5.46
N VAL D 201 9.86 16.13 5.18
CA VAL D 201 10.51 15.27 4.22
C VAL D 201 9.42 14.62 3.36
N ASN D 202 9.42 14.91 2.07
CA ASN D 202 8.37 14.45 1.14
C ASN D 202 9.01 14.03 -0.15
N ALA D 203 8.24 13.30 -0.93
CA ALA D 203 8.68 12.86 -2.26
C ALA D 203 7.65 13.24 -3.30
N VAL D 204 8.15 13.39 -4.54
CA VAL D 204 7.31 13.58 -5.70
C VAL D 204 7.64 12.44 -6.68
N ALA D 205 6.62 11.66 -7.06
CA ALA D 205 6.83 10.48 -7.86
C ALA D 205 6.26 10.70 -9.25
N PRO D 206 7.11 11.09 -10.18
CA PRO D 206 6.60 11.26 -11.56
C PRO D 206 6.19 9.95 -12.16
N GLY D 207 5.39 10.05 -13.22
CA GLY D 207 5.03 8.95 -14.08
C GLY D 207 5.84 8.95 -15.38
N PHE D 208 5.14 9.11 -16.49
CA PHE D 208 5.72 9.39 -17.77
C PHE D 208 5.82 10.89 -17.97
N ILE D 209 7.03 11.35 -18.26
CA ILE D 209 7.28 12.76 -18.45
C ILE D 209 7.91 12.82 -19.82
N ASP D 210 7.69 13.97 -20.42
CA ASP D 210 8.17 14.22 -21.75
C ASP D 210 9.71 14.27 -21.68
N THR D 211 10.36 13.17 -22.17
CA THR D 211 11.82 12.84 -22.16
C THR D 211 12.16 11.86 -23.33
N ASP D 212 13.44 11.48 -23.46
CA ASP D 212 13.93 10.91 -24.72
C ASP D 212 13.46 9.51 -25.02
N MET D 213 13.34 8.66 -24.01
CA MET D 213 12.79 7.31 -24.23
C MET D 213 11.40 7.44 -24.88
N THR D 214 10.65 8.46 -24.42
CA THR D 214 9.31 8.76 -25.00
C THR D 214 9.45 9.17 -26.49
N ARG D 215 10.40 10.06 -26.79
CA ARG D 215 10.64 10.51 -28.18
C ARG D 215 11.02 9.40 -29.17
N GLU D 216 11.77 8.42 -28.69
CA GLU D 216 12.28 7.36 -29.55
C GLU D 216 11.23 6.30 -29.96
N LEU D 217 10.06 6.37 -29.38
CA LEU D 217 9.07 5.33 -29.63
C LEU D 217 8.38 5.47 -30.98
N PRO D 218 8.16 4.33 -31.66
CA PRO D 218 7.24 4.33 -32.82
C PRO D 218 5.86 4.88 -32.45
N GLU D 219 5.22 5.58 -33.38
CA GLU D 219 3.90 6.20 -33.13
C GLU D 219 2.86 5.26 -32.55
N ALA D 220 2.79 4.03 -33.05
CA ALA D 220 1.92 3.01 -32.45
C ALA D 220 2.26 2.78 -30.98
N GLN D 221 3.54 2.82 -30.65
CA GLN D 221 3.98 2.65 -29.26
C GLN D 221 3.67 3.87 -28.36
N ARG D 222 3.89 5.08 -28.89
CA ARG D 222 3.48 6.33 -28.24
C ARG D 222 1.99 6.31 -27.95
N GLU D 223 1.19 5.89 -28.92
CA GLU D 223 -0.28 5.85 -28.76
C GLU D 223 -0.69 4.90 -27.64
N ALA D 224 -0.08 3.71 -27.64
CA ALA D 224 -0.36 2.72 -26.60
C ALA D 224 0.04 3.28 -25.22
N LEU D 225 1.14 4.02 -25.17
CA LEU D 225 1.65 4.60 -23.92
C LEU D 225 0.64 5.63 -23.40
N LEU D 226 0.22 6.50 -24.31
CA LEU D 226 -0.75 7.50 -23.94
C LEU D 226 -2.07 6.86 -23.51
N GLY D 227 -2.40 5.70 -24.08
CA GLY D 227 -3.58 4.96 -23.61
C GLY D 227 -3.53 4.36 -22.20
N GLN D 228 -2.34 4.29 -21.58
CA GLN D 228 -2.28 3.86 -20.18
CA GLN D 228 -2.08 3.89 -20.16
C GLN D 228 -2.36 5.06 -19.21
N ILE D 229 -2.47 6.28 -19.75
CA ILE D 229 -2.52 7.51 -18.94
C ILE D 229 -3.93 8.15 -19.09
N PRO D 230 -4.71 8.20 -17.99
CA PRO D 230 -6.08 8.79 -18.03
C PRO D 230 -6.11 10.20 -18.61
N LEU D 231 -5.13 11.05 -18.29
CA LEU D 231 -5.13 12.41 -18.86
C LEU D 231 -4.77 12.42 -20.37
N GLY D 232 -4.24 11.32 -20.86
CA GLY D 232 -4.01 11.17 -22.31
C GLY D 232 -2.85 11.95 -22.84
N ARG D 233 -1.89 12.32 -22.02
CA ARG D 233 -0.74 13.12 -22.39
C ARG D 233 0.43 12.80 -21.44
N LEU D 234 1.65 13.11 -21.86
CA LEU D 234 2.82 13.01 -21.00
C LEU D 234 2.88 14.21 -20.12
N GLY D 235 3.49 14.06 -18.95
CA GLY D 235 3.62 15.20 -18.10
C GLY D 235 4.78 16.08 -18.57
N GLN D 236 4.72 17.34 -18.17
CA GLN D 236 5.83 18.29 -18.40
C GLN D 236 6.71 18.39 -17.17
N ALA D 237 8.00 18.66 -17.36
CA ALA D 237 8.91 18.88 -16.26
C ALA D 237 8.39 19.96 -15.35
N GLU D 238 7.78 21.03 -15.92
CA GLU D 238 7.29 22.14 -15.11
C GLU D 238 6.15 21.72 -14.16
N GLU D 239 5.45 20.67 -14.53
CA GLU D 239 4.35 20.11 -13.70
C GLU D 239 4.90 19.40 -12.49
N ILE D 240 6.08 18.83 -12.58
CA ILE D 240 6.75 18.29 -11.40
C ILE D 240 7.24 19.44 -10.55
N ALA D 241 7.86 20.44 -11.19
CA ALA D 241 8.46 21.57 -10.48
C ALA D 241 7.40 22.33 -9.66
N LYS D 242 6.18 22.47 -10.19
CA LYS D 242 5.19 23.23 -9.44
C LYS D 242 4.81 22.51 -8.10
N VAL D 243 4.76 21.19 -8.14
CA VAL D 243 4.51 20.37 -6.90
C VAL D 243 5.62 20.57 -5.89
N VAL D 244 6.86 20.55 -6.38
CA VAL D 244 8.00 20.79 -5.50
C VAL D 244 7.94 22.16 -4.86
N GLY D 245 7.58 23.18 -5.67
CA GLY D 245 7.47 24.56 -5.12
C GLY D 245 6.46 24.66 -4.00
N PHE D 246 5.35 23.99 -4.18
CA PHE D 246 4.32 23.98 -3.19
C PHE D 246 4.83 23.27 -1.88
N LEU D 247 5.47 22.13 -2.06
CA LEU D 247 6.00 21.41 -0.87
C LEU D 247 7.03 22.20 -0.10
N ALA D 248 7.82 23.02 -0.82
CA ALA D 248 8.80 23.88 -0.20
C ALA D 248 8.24 25.02 0.64
N SER D 249 6.96 25.34 0.38
CA SER D 249 6.31 26.52 0.93
C SER D 249 5.93 26.32 2.41
N ASP D 250 5.64 27.43 3.10
CA ASP D 250 5.15 27.37 4.45
CA ASP D 250 5.18 27.39 4.47
C ASP D 250 3.78 26.76 4.52
N GLY D 251 3.01 26.88 3.44
CA GLY D 251 1.65 26.30 3.48
C GLY D 251 1.62 24.76 3.55
N ALA D 252 2.74 24.12 3.20
CA ALA D 252 2.86 22.70 3.22
C ALA D 252 3.50 22.22 4.47
N ALA D 253 3.51 23.05 5.50
CA ALA D 253 4.24 22.67 6.74
C ALA D 253 3.71 21.42 7.45
N TYR D 254 2.48 21.08 7.29
CA TYR D 254 1.90 19.90 7.93
C TYR D 254 1.95 18.64 7.02
N VAL D 255 2.46 18.77 5.82
CA VAL D 255 2.61 17.61 4.87
C VAL D 255 4.03 17.07 5.11
N THR D 256 4.12 15.89 5.69
CA THR D 256 5.41 15.25 5.83
C THR D 256 5.26 13.73 5.75
N GLY D 257 6.30 13.09 5.19
CA GLY D 257 6.32 11.71 4.94
C GLY D 257 5.51 11.26 3.77
N ALA D 258 5.02 12.20 2.97
CA ALA D 258 4.11 11.92 1.86
C ALA D 258 4.87 11.75 0.54
N THR D 259 4.36 10.88 -0.31
CA THR D 259 4.82 10.84 -1.69
C THR D 259 3.67 11.32 -2.54
N VAL D 260 3.86 12.41 -3.28
CA VAL D 260 2.83 12.93 -4.14
C VAL D 260 3.04 12.37 -5.54
N PRO D 261 2.10 11.62 -6.05
CA PRO D 261 2.26 11.10 -7.42
C PRO D 261 1.84 12.14 -8.42
N VAL D 262 2.65 12.28 -9.45
CA VAL D 262 2.43 13.27 -10.49
C VAL D 262 2.51 12.52 -11.82
N ASN D 263 1.44 11.85 -12.15
CA ASN D 263 1.49 10.79 -13.18
C ASN D 263 0.32 10.74 -14.07
N GLY D 264 -0.51 11.79 -14.03
CA GLY D 264 -1.68 11.83 -14.92
C GLY D 264 -2.71 10.73 -14.78
N GLY D 265 -2.67 10.06 -13.62
CA GLY D 265 -3.53 8.98 -13.32
C GLY D 265 -3.02 7.58 -13.66
N MET D 266 -1.76 7.48 -14.07
CA MET D 266 -1.15 6.23 -14.48
C MET D 266 -0.48 5.70 -13.25
N TYR D 267 -1.10 4.73 -12.62
CA TYR D 267 -0.60 4.13 -11.36
C TYR D 267 -0.10 2.71 -11.63
N MET D 268 1.18 2.50 -11.41
CA MET D 268 1.66 1.13 -11.46
C MET D 268 2.69 0.93 -10.36
N SER D 269 2.61 -0.23 -9.75
CA SER D 269 3.47 -0.60 -8.64
C SER D 269 3.88 -2.07 -8.81
#